data_1G38
#
_entry.id   1G38
#
_cell.length_a   59.500
_cell.length_b   68.650
_cell.length_c   114.430
_cell.angle_alpha   90.00
_cell.angle_beta   92.20
_cell.angle_gamma   90.00
#
_symmetry.space_group_name_H-M   'P 1 21 1'
#
loop_
_entity.id
_entity.type
_entity.pdbx_description
1 polymer "5'-D(*GP*TP*TP*CP*GP*AP*TP*GP*TP*C)-3'"
2 polymer "5'-D(*GP*AP*CP*AP*TP*CP*GP*(6MA)P*AP*C)-3'"
3 polymer 'MODIFICATION METHYLASE TAQI'
4 non-polymer "5'-DEOXY-5'-[2-(AMINO)ETHYLTHIO]ADENOSINE"
5 water water
#
loop_
_entity_poly.entity_id
_entity_poly.type
_entity_poly.pdbx_seq_one_letter_code
_entity_poly.pdbx_strand_id
1 'polydeoxyribonucleotide' (DG)(DT)(DT)(DC)(DG)(DA)(DT)(DG)(DT)(DC) B,E
2 'polydeoxyribonucleotide' (DG)(DA)(DC)(DA)(DT)(DC)(DG)(6MA)(DA)(DC) C,F
3 'polypeptide(L)'
;VETPPEVVDFMVSLAEAPRGGRVLEPACAHGPFLRAFREAHGTGYRFVGVEIDPKALDLPPWAEGILADFLLWEPGEAFD
LILGNPPYGIVGEASKYPIHVFKAVKDLYKKAFSTWKGKYNLYGAFLEKAVRLLKPGGVLVFVVPATWLVLEDFALLREF
LAREGKTSVYYLGEVFPQKKVSAVVIRFQKSGKGLSLWDTQESESGFTPILWAEYPHWEGEIIRFETEETRKLEISGMPL
GDLFHIRFAARSPEFKKHPAVRKEPGPGLVPVLTGRNLKPGWVDYEKNHSGLWMPKERAKELRDFYATPHLVVAHTKGTR
VVAAWDERAYPWREEFHLLPKEGVRLDPSSLVQWLNSEAMQKHVRTLYRDFVPHLTLRMLERLPVRREYGFHT
;
A,D
#
loop_
_chem_comp.id
_chem_comp.type
_chem_comp.name
_chem_comp.formula
6MA DNA linking N6-METHYL-DEOXY-ADENOSINE-5'-MONOPHOSPHATE 'C11 H16 N5 O6 P'
DA DNA linking 2'-DEOXYADENOSINE-5'-MONOPHOSPHATE 'C10 H14 N5 O6 P'
DC DNA linking 2'-DEOXYCYTIDINE-5'-MONOPHOSPHATE 'C9 H14 N3 O7 P'
DG DNA linking 2'-DEOXYGUANOSINE-5'-MONOPHOSPHATE 'C10 H14 N5 O7 P'
DT DNA linking THYMIDINE-5'-MONOPHOSPHATE 'C10 H15 N2 O8 P'
NEA non-polymer 5'-DEOXY-5'-[2-(AMINO)ETHYLTHIO]ADENOSINE 'C12 H18 N6 O3 S'
#
# COMPACT_ATOMS: atom_id res chain seq x y z
P 6MA B 8 27.90 -30.92 -32.85
OP1 6MA B 8 28.75 -31.97 -32.22
OP2 6MA B 8 28.13 -30.54 -34.26
O5' 6MA B 8 26.37 -31.35 -32.69
C5' 6MA B 8 25.85 -31.74 -31.43
C4' 6MA B 8 24.50 -31.10 -31.20
O4' 6MA B 8 24.64 -29.68 -30.95
C3' 6MA B 8 23.50 -31.22 -32.35
O3' 6MA B 8 22.21 -31.39 -31.79
C2' 6MA B 8 23.63 -29.88 -33.07
C1' 6MA B 8 23.96 -28.92 -31.93
N9 6MA B 8 24.80 -27.78 -32.28
C8 6MA B 8 25.85 -27.73 -33.18
N7 6MA B 8 26.44 -26.57 -33.24
C5 6MA B 8 25.74 -25.79 -32.32
C6 6MA B 8 25.88 -24.45 -31.90
N1 6MA B 8 25.01 -24.00 -30.98
C2 6MA B 8 24.08 -24.82 -30.51
N3 6MA B 8 23.86 -26.10 -30.80
C4 6MA B 8 24.73 -26.53 -31.73
N6 6MA B 8 26.82 -23.62 -32.37
C1 6MA B 8 27.84 -23.96 -33.30
P 6MA D 8 2.81 21.04 11.18
OP1 6MA D 8 3.04 21.98 10.07
OP2 6MA D 8 3.82 19.99 11.49
O5' 6MA D 8 2.52 21.88 12.52
C5' 6MA D 8 1.63 23.01 12.53
C4' 6MA D 8 0.61 22.87 13.64
O4' 6MA D 8 -0.10 21.64 13.42
C3' 6MA D 8 1.16 22.82 15.08
O3' 6MA D 8 0.88 24.07 15.69
C2' 6MA D 8 0.28 21.79 15.79
C1' 6MA D 8 -0.34 21.00 14.66
N9 6MA D 8 0.02 19.60 14.53
C8 6MA D 8 1.15 18.97 14.05
N7 6MA D 8 1.02 17.67 13.93
C5 6MA D 8 -0.27 17.43 14.40
C6 6MA D 8 -1.05 16.25 14.52
N1 6MA D 8 -2.28 16.37 15.07
C2 6MA D 8 -2.70 17.58 15.44
N3 6MA D 8 -2.09 18.75 15.35
C4 6MA D 8 -0.86 18.60 14.82
N6 6MA D 8 -0.65 15.04 14.12
C1 6MA D 8 0.56 14.80 13.42
N VAL E 1 15.67 -37.11 -9.34
CA VAL E 1 15.12 -35.73 -9.21
C VAL E 1 13.95 -35.66 -8.25
N GLU E 2 14.16 -34.96 -7.13
CA GLU E 2 13.12 -34.81 -6.11
C GLU E 2 13.04 -33.34 -5.73
N THR E 3 11.87 -32.93 -5.27
CA THR E 3 11.64 -31.55 -4.88
C THR E 3 11.70 -31.46 -3.36
N PRO E 4 12.59 -30.61 -2.82
CA PRO E 4 12.74 -30.44 -1.37
C PRO E 4 11.39 -30.18 -0.70
N PRO E 5 11.18 -30.78 0.48
CA PRO E 5 9.94 -30.62 1.23
C PRO E 5 9.48 -29.18 1.39
N GLU E 6 10.39 -28.30 1.81
CA GLU E 6 10.05 -26.90 2.01
C GLU E 6 9.61 -26.21 0.73
N VAL E 7 10.13 -26.67 -0.41
CA VAL E 7 9.73 -26.10 -1.69
C VAL E 7 8.30 -26.52 -1.99
N VAL E 8 8.01 -27.81 -1.81
CA VAL E 8 6.66 -28.33 -2.04
C VAL E 8 5.66 -27.61 -1.13
N ASP E 9 6.01 -27.52 0.16
CA ASP E 9 5.16 -26.86 1.14
C ASP E 9 4.86 -25.43 0.72
N PHE E 10 5.91 -24.71 0.34
CA PHE E 10 5.75 -23.33 -0.09
C PHE E 10 4.79 -23.25 -1.28
N MET E 11 4.99 -24.13 -2.26
CA MET E 11 4.15 -24.17 -3.44
C MET E 11 2.71 -24.54 -3.10
N VAL E 12 2.54 -25.49 -2.19
CA VAL E 12 1.21 -25.91 -1.80
C VAL E 12 0.49 -24.75 -1.11
N SER E 13 1.25 -23.92 -0.40
CA SER E 13 0.67 -22.78 0.31
C SER E 13 0.16 -21.72 -0.65
N LEU E 14 0.59 -21.81 -1.91
CA LEU E 14 0.18 -20.86 -2.94
C LEU E 14 -0.94 -21.41 -3.81
N ALA E 15 -1.22 -22.70 -3.68
CA ALA E 15 -2.24 -23.34 -4.50
C ALA E 15 -3.65 -23.16 -3.96
N GLU E 16 -4.62 -23.20 -4.86
CA GLU E 16 -6.03 -23.07 -4.50
C GLU E 16 -6.87 -23.87 -5.49
N ALA E 17 -8.00 -24.37 -5.00
CA ALA E 17 -8.91 -25.13 -5.85
C ALA E 17 -10.30 -25.16 -5.22
N PRO E 18 -11.35 -25.15 -6.05
CA PRO E 18 -12.70 -25.18 -5.50
C PRO E 18 -13.04 -26.60 -5.03
N ARG E 19 -13.97 -26.70 -4.08
CA ARG E 19 -14.38 -27.98 -3.56
C ARG E 19 -14.81 -28.86 -4.73
N GLY E 20 -14.32 -30.10 -4.75
CA GLY E 20 -14.65 -31.01 -5.82
C GLY E 20 -13.94 -30.68 -7.12
N GLY E 21 -12.96 -29.79 -7.05
CA GLY E 21 -12.23 -29.39 -8.24
C GLY E 21 -11.26 -30.46 -8.69
N ARG E 22 -10.83 -30.36 -9.96
CA ARG E 22 -9.88 -31.30 -10.51
C ARG E 22 -8.45 -30.80 -10.30
N VAL E 23 -7.64 -31.59 -9.59
CA VAL E 23 -6.26 -31.25 -9.29
C VAL E 23 -5.32 -32.20 -10.03
N LEU E 24 -4.30 -31.65 -10.67
CA LEU E 24 -3.39 -32.46 -11.47
C LEU E 24 -1.89 -32.25 -11.21
N GLU E 25 -1.14 -33.36 -11.24
CA GLU E 25 0.31 -33.26 -11.08
C GLU E 25 0.98 -33.91 -12.30
N PRO E 26 1.50 -33.11 -13.23
CA PRO E 26 2.15 -33.70 -14.40
C PRO E 26 3.55 -34.22 -14.03
N ALA E 27 4.00 -35.26 -14.74
CA ALA E 27 5.30 -35.89 -14.49
C ALA E 27 5.36 -36.16 -13.00
N CYS E 28 4.31 -36.78 -12.49
CA CYS E 28 4.14 -37.05 -11.06
C CYS E 28 4.97 -38.13 -10.39
N ALA E 29 5.26 -39.22 -11.08
CA ALA E 29 5.99 -40.32 -10.47
C ALA E 29 5.12 -40.79 -9.29
N HIS E 30 5.60 -40.65 -8.05
CA HIS E 30 4.79 -41.09 -6.91
C HIS E 30 3.80 -40.03 -6.42
N GLY E 31 3.80 -38.89 -7.08
CA GLY E 31 2.89 -37.81 -6.73
C GLY E 31 3.15 -37.06 -5.42
N PRO E 32 4.29 -36.40 -5.28
CA PRO E 32 4.60 -35.66 -4.05
C PRO E 32 3.67 -34.47 -3.85
N PHE E 33 3.33 -33.80 -4.94
CA PHE E 33 2.45 -32.64 -4.85
C PHE E 33 0.99 -32.99 -4.54
N LEU E 34 0.48 -34.06 -5.13
CA LEU E 34 -0.90 -34.45 -4.85
C LEU E 34 -1.03 -34.83 -3.38
N ARG E 35 -0.03 -35.53 -2.86
CA ARG E 35 -0.04 -35.97 -1.48
C ARG E 35 -0.03 -34.77 -0.53
N ALA E 36 0.87 -33.81 -0.80
CA ALA E 36 0.99 -32.63 0.03
C ALA E 36 -0.24 -31.73 0.00
N PHE E 37 -0.85 -31.58 -1.18
CA PHE E 37 -2.03 -30.74 -1.31
C PHE E 37 -3.20 -31.38 -0.53
N ARG E 38 -3.35 -32.70 -0.68
CA ARG E 38 -4.41 -33.44 -0.01
C ARG E 38 -4.28 -33.38 1.52
N GLU E 39 -3.05 -33.49 2.00
CA GLU E 39 -2.79 -33.45 3.43
C GLU E 39 -3.04 -32.05 4.00
N ALA E 40 -2.86 -31.03 3.17
CA ALA E 40 -3.06 -29.66 3.60
C ALA E 40 -4.48 -29.13 3.39
N HIS E 41 -5.11 -29.53 2.29
CA HIS E 41 -6.46 -29.04 2.01
C HIS E 41 -7.62 -30.02 2.12
N GLY E 42 -7.32 -31.29 2.39
CA GLY E 42 -8.40 -32.27 2.50
C GLY E 42 -8.50 -33.24 1.34
N THR E 43 -9.57 -34.03 1.33
CA THR E 43 -9.76 -35.04 0.28
C THR E 43 -10.90 -34.70 -0.69
N GLY E 44 -11.57 -33.58 -0.47
CA GLY E 44 -12.66 -33.20 -1.34
C GLY E 44 -12.23 -32.62 -2.67
N TYR E 45 -11.48 -33.40 -3.45
CA TYR E 45 -10.97 -32.98 -4.74
C TYR E 45 -10.78 -34.20 -5.64
N ARG E 46 -10.67 -33.99 -6.95
CA ARG E 46 -10.44 -35.09 -7.86
C ARG E 46 -8.95 -35.05 -8.23
N PHE E 47 -8.17 -35.94 -7.64
CA PHE E 47 -6.73 -35.98 -7.86
C PHE E 47 -6.28 -36.80 -9.06
N VAL E 48 -5.53 -36.18 -9.96
CA VAL E 48 -5.03 -36.84 -11.15
C VAL E 48 -3.52 -36.68 -11.31
N GLY E 49 -2.86 -37.74 -11.75
CA GLY E 49 -1.42 -37.71 -11.97
C GLY E 49 -1.09 -38.28 -13.33
N VAL E 50 -0.13 -37.67 -14.02
CA VAL E 50 0.27 -38.14 -15.34
C VAL E 50 1.78 -38.44 -15.34
N GLU E 51 2.12 -39.67 -15.70
CA GLU E 51 3.51 -40.12 -15.74
C GLU E 51 3.74 -40.96 -17.00
N ILE E 52 4.91 -40.78 -17.63
CA ILE E 52 5.23 -41.50 -18.85
C ILE E 52 5.99 -42.80 -18.62
N ASP E 53 6.69 -42.89 -17.51
CA ASP E 53 7.46 -44.08 -17.18
C ASP E 53 6.68 -44.94 -16.19
N PRO E 54 6.23 -46.12 -16.64
CA PRO E 54 5.46 -47.03 -15.79
C PRO E 54 6.18 -47.41 -14.51
N LYS E 55 7.50 -47.51 -14.55
CA LYS E 55 8.27 -47.86 -13.36
C LYS E 55 8.20 -46.75 -12.32
N ALA E 56 7.88 -45.54 -12.78
CA ALA E 56 7.82 -44.39 -11.89
C ALA E 56 6.42 -44.11 -11.35
N LEU E 57 5.38 -44.47 -12.10
CA LEU E 57 4.02 -44.22 -11.63
C LEU E 57 3.71 -45.05 -10.40
N ASP E 58 3.43 -44.38 -9.28
CA ASP E 58 3.12 -45.06 -8.02
C ASP E 58 2.32 -44.13 -7.11
N LEU E 59 1.06 -43.95 -7.45
CA LEU E 59 0.17 -43.08 -6.69
C LEU E 59 -0.71 -43.82 -5.71
N PRO E 60 -1.22 -43.11 -4.69
CA PRO E 60 -2.09 -43.75 -3.70
C PRO E 60 -3.39 -44.11 -4.42
N PRO E 61 -4.18 -45.04 -3.86
CA PRO E 61 -5.43 -45.45 -4.48
C PRO E 61 -6.47 -44.33 -4.64
N TRP E 62 -6.34 -43.24 -3.89
CA TRP E 62 -7.31 -42.14 -4.00
C TRP E 62 -7.04 -41.19 -5.16
N ALA E 63 -5.94 -41.42 -5.88
CA ALA E 63 -5.58 -40.58 -7.02
C ALA E 63 -5.67 -41.39 -8.31
N GLU E 64 -5.91 -40.71 -9.43
CA GLU E 64 -6.01 -41.37 -10.72
C GLU E 64 -4.68 -41.30 -11.47
N GLY E 65 -4.08 -42.45 -11.73
CA GLY E 65 -2.81 -42.49 -12.43
C GLY E 65 -2.99 -42.71 -13.93
N ILE E 66 -2.31 -41.88 -14.72
CA ILE E 66 -2.41 -41.99 -16.18
C ILE E 66 -1.02 -42.11 -16.81
N LEU E 67 -0.81 -43.20 -17.55
CA LEU E 67 0.45 -43.43 -18.23
C LEU E 67 0.42 -42.78 -19.60
N ALA E 68 1.12 -41.66 -19.74
CA ALA E 68 1.16 -40.95 -21.01
C ALA E 68 2.20 -39.83 -21.01
N ASP E 69 2.55 -39.38 -22.21
CA ASP E 69 3.46 -38.27 -22.38
C ASP E 69 2.57 -37.06 -22.09
N PHE E 70 2.85 -36.35 -21.00
CA PHE E 70 2.05 -35.18 -20.65
C PHE E 70 1.88 -34.16 -21.77
N LEU E 71 2.97 -33.89 -22.48
CA LEU E 71 2.95 -32.90 -23.56
C LEU E 71 2.03 -33.22 -24.74
N LEU E 72 1.71 -34.50 -24.95
CA LEU E 72 0.83 -34.88 -26.05
C LEU E 72 -0.49 -35.46 -25.49
N TRP E 73 -0.69 -35.30 -24.18
CA TRP E 73 -1.87 -35.82 -23.52
C TRP E 73 -3.12 -35.01 -23.80
N GLU E 74 -4.21 -35.70 -24.13
CA GLU E 74 -5.47 -35.03 -24.42
C GLU E 74 -6.60 -35.52 -23.52
N PRO E 75 -6.74 -34.93 -22.33
CA PRO E 75 -7.80 -35.33 -21.39
C PRO E 75 -9.18 -34.89 -21.88
N GLY E 76 -10.22 -35.39 -21.24
CA GLY E 76 -11.56 -35.01 -21.65
C GLY E 76 -11.99 -33.68 -21.06
N GLU E 77 -11.53 -33.40 -19.85
CA GLU E 77 -11.88 -32.16 -19.15
C GLU E 77 -10.65 -31.39 -18.69
N ALA E 78 -10.79 -30.08 -18.55
CA ALA E 78 -9.69 -29.23 -18.10
C ALA E 78 -9.59 -29.30 -16.58
N PHE E 79 -8.55 -28.71 -16.00
CA PHE E 79 -8.37 -28.76 -14.55
C PHE E 79 -8.44 -27.41 -13.85
N ASP E 80 -8.74 -27.44 -12.56
CA ASP E 80 -8.83 -26.21 -11.78
C ASP E 80 -7.47 -25.85 -11.19
N LEU E 81 -6.66 -26.86 -10.94
CA LEU E 81 -5.34 -26.66 -10.37
C LEU E 81 -4.30 -27.62 -10.93
N ILE E 82 -3.16 -27.07 -11.33
CA ILE E 82 -2.07 -27.86 -11.86
C ILE E 82 -0.82 -27.42 -11.11
N LEU E 83 -0.18 -28.36 -10.42
CA LEU E 83 1.02 -28.08 -9.65
C LEU E 83 2.03 -29.20 -9.83
N GLY E 84 3.30 -28.85 -9.71
CA GLY E 84 4.34 -29.85 -9.85
C GLY E 84 5.68 -29.30 -10.27
N ASN E 85 6.64 -30.21 -10.44
CA ASN E 85 7.99 -29.86 -10.85
C ASN E 85 8.25 -30.59 -12.16
N PRO E 86 8.12 -29.90 -13.29
CA PRO E 86 8.34 -30.50 -14.61
C PRO E 86 9.81 -30.78 -14.88
N PRO E 87 10.09 -31.74 -15.76
CA PRO E 87 11.49 -32.06 -16.07
C PRO E 87 12.09 -30.90 -16.89
N TYR E 88 13.36 -30.57 -16.62
CA TYR E 88 14.04 -29.49 -17.34
C TYR E 88 15.04 -30.08 -18.33
N GLY E 89 15.32 -29.36 -19.42
CA GLY E 89 16.30 -29.86 -20.36
C GLY E 89 16.02 -29.63 -21.83
N ILE E 90 17.08 -29.48 -22.60
CA ILE E 90 16.97 -29.27 -24.04
C ILE E 90 16.83 -30.61 -24.76
N VAL E 91 15.91 -30.68 -25.72
CA VAL E 91 15.73 -31.91 -26.50
C VAL E 91 16.74 -31.84 -27.63
N GLY E 92 17.68 -32.79 -27.64
CA GLY E 92 18.70 -32.82 -28.68
C GLY E 92 19.62 -34.03 -28.64
N GLU E 93 20.54 -34.07 -29.61
CA GLU E 93 21.51 -35.16 -29.71
C GLU E 93 22.17 -35.37 -28.36
N ALA E 94 22.21 -36.63 -27.93
CA ALA E 94 22.78 -37.02 -26.64
C ALA E 94 24.21 -36.58 -26.35
N SER E 95 25.01 -36.33 -27.38
CA SER E 95 26.39 -35.93 -27.17
C SER E 95 26.48 -34.51 -26.61
N LYS E 96 25.39 -33.76 -26.74
CA LYS E 96 25.40 -32.38 -26.29
C LYS E 96 24.20 -32.02 -25.41
N TYR E 97 23.06 -32.65 -25.64
CA TYR E 97 21.87 -32.34 -24.86
C TYR E 97 21.32 -33.52 -24.08
N PRO E 98 20.59 -33.24 -22.98
CA PRO E 98 20.00 -34.27 -22.11
C PRO E 98 18.71 -35.02 -22.49
N ILE E 99 17.80 -34.38 -23.21
CA ILE E 99 16.54 -35.03 -23.56
C ILE E 99 16.62 -35.69 -24.94
N HIS E 100 16.47 -37.01 -24.95
CA HIS E 100 16.60 -37.81 -26.16
C HIS E 100 15.30 -38.47 -26.59
N VAL E 101 14.80 -38.09 -27.76
CA VAL E 101 13.58 -38.67 -28.30
C VAL E 101 13.65 -38.69 -29.82
N PHE E 102 12.78 -39.47 -30.45
CA PHE E 102 12.73 -39.56 -31.90
C PHE E 102 12.44 -38.17 -32.48
N LYS E 103 13.08 -37.86 -33.60
CA LYS E 103 12.85 -36.57 -34.24
C LYS E 103 11.36 -36.35 -34.48
N ALA E 104 10.66 -37.42 -34.85
CA ALA E 104 9.23 -37.34 -35.11
C ALA E 104 8.47 -36.87 -33.87
N VAL E 105 8.97 -37.25 -32.70
CA VAL E 105 8.34 -36.85 -31.45
C VAL E 105 8.62 -35.38 -31.21
N LYS E 106 9.86 -34.96 -31.42
CA LYS E 106 10.22 -33.56 -31.24
C LYS E 106 9.38 -32.74 -32.22
N ASP E 107 9.12 -33.29 -33.39
CA ASP E 107 8.30 -32.59 -34.38
C ASP E 107 6.90 -32.39 -33.80
N LEU E 108 6.37 -33.41 -33.14
CA LEU E 108 5.05 -33.32 -32.55
C LEU E 108 5.00 -32.24 -31.47
N TYR E 109 6.08 -32.09 -30.71
CA TYR E 109 6.10 -31.06 -29.68
C TYR E 109 6.06 -29.70 -30.34
N LYS E 110 6.88 -29.52 -31.37
CA LYS E 110 6.93 -28.25 -32.08
C LYS E 110 5.55 -27.88 -32.60
N LYS E 111 4.86 -28.87 -33.16
CA LYS E 111 3.53 -28.63 -33.70
C LYS E 111 2.53 -28.26 -32.61
N ALA E 112 2.67 -28.87 -31.43
CA ALA E 112 1.74 -28.61 -30.34
C ALA E 112 1.97 -27.35 -29.52
N PHE E 113 3.18 -26.82 -29.51
CA PHE E 113 3.45 -25.65 -28.69
C PHE E 113 3.77 -24.37 -29.44
N SER E 114 2.88 -23.39 -29.31
CA SER E 114 3.05 -22.11 -29.97
C SER E 114 4.22 -21.32 -29.39
N THR E 115 4.65 -21.65 -28.17
CA THR E 115 5.76 -20.90 -27.57
C THR E 115 7.15 -21.49 -27.86
N TRP E 116 7.20 -22.64 -28.53
CA TRP E 116 8.47 -23.31 -28.85
C TRP E 116 9.34 -22.44 -29.73
N LYS E 117 10.51 -22.05 -29.22
CA LYS E 117 11.43 -21.17 -29.94
C LYS E 117 12.88 -21.63 -29.76
N GLY E 118 13.64 -21.57 -30.85
CA GLY E 118 15.03 -21.98 -30.82
C GLY E 118 15.18 -23.43 -30.41
N LYS E 119 16.08 -23.69 -29.47
CA LYS E 119 16.28 -25.04 -28.97
C LYS E 119 15.18 -25.33 -27.95
N TYR E 120 14.69 -24.27 -27.32
CA TYR E 120 13.66 -24.34 -26.29
C TYR E 120 14.03 -25.31 -25.17
N ASN E 121 13.04 -25.65 -24.34
CA ASN E 121 13.26 -26.53 -23.21
C ASN E 121 11.99 -27.28 -22.86
N LEU E 122 12.17 -28.46 -22.26
CA LEU E 122 11.05 -29.28 -21.84
C LEU E 122 10.17 -28.52 -20.85
N TYR E 123 10.79 -27.73 -19.97
CA TYR E 123 10.01 -27.03 -18.97
C TYR E 123 9.14 -25.92 -19.55
N GLY E 124 9.59 -25.32 -20.64
CA GLY E 124 8.80 -24.29 -21.27
C GLY E 124 7.54 -24.93 -21.87
N ALA E 125 7.72 -26.11 -22.46
CA ALA E 125 6.61 -26.84 -23.06
C ALA E 125 5.60 -27.29 -22.01
N PHE E 126 6.08 -27.73 -20.86
CA PHE E 126 5.18 -28.15 -19.80
C PHE E 126 4.34 -26.98 -19.33
N LEU E 127 4.95 -25.79 -19.25
CA LEU E 127 4.25 -24.60 -18.81
C LEU E 127 3.11 -24.26 -19.77
N GLU E 128 3.41 -24.25 -21.07
CA GLU E 128 2.40 -23.94 -22.07
C GLU E 128 1.29 -25.00 -22.06
N LYS E 129 1.68 -26.26 -21.96
CA LYS E 129 0.71 -27.34 -21.93
C LYS E 129 -0.24 -27.20 -20.74
N ALA E 130 0.33 -26.98 -19.56
CA ALA E 130 -0.47 -26.82 -18.35
C ALA E 130 -1.46 -25.65 -18.47
N VAL E 131 -0.97 -24.51 -18.95
CA VAL E 131 -1.85 -23.35 -19.10
C VAL E 131 -3.03 -23.67 -20.02
N ARG E 132 -2.76 -24.39 -21.11
CA ARG E 132 -3.80 -24.77 -22.05
C ARG E 132 -4.80 -25.74 -21.42
N LEU E 133 -4.33 -26.51 -20.44
CA LEU E 133 -5.17 -27.48 -19.74
C LEU E 133 -5.95 -26.82 -18.59
N LEU E 134 -5.63 -25.58 -18.30
CA LEU E 134 -6.27 -24.86 -17.23
C LEU E 134 -7.67 -24.35 -17.59
N LYS E 135 -8.61 -24.53 -16.68
CA LYS E 135 -9.97 -24.04 -16.89
C LYS E 135 -9.92 -22.54 -16.63
N PRO E 136 -10.85 -21.77 -17.20
CA PRO E 136 -10.86 -20.33 -16.98
C PRO E 136 -10.80 -20.06 -15.48
N GLY E 137 -9.92 -19.17 -15.06
CA GLY E 137 -9.80 -18.87 -13.64
C GLY E 137 -8.94 -19.90 -12.91
N GLY E 138 -8.58 -20.97 -13.61
CA GLY E 138 -7.76 -22.00 -13.01
C GLY E 138 -6.41 -21.48 -12.54
N VAL E 139 -5.73 -22.25 -11.70
CA VAL E 139 -4.43 -21.85 -11.17
C VAL E 139 -3.36 -22.91 -11.39
N LEU E 140 -2.16 -22.44 -11.72
CA LEU E 140 -1.01 -23.29 -11.95
C LEU E 140 0.13 -22.87 -11.03
N VAL E 141 0.84 -23.84 -10.47
CA VAL E 141 1.98 -23.56 -9.60
C VAL E 141 3.10 -24.55 -9.91
N PHE E 142 4.14 -24.05 -10.58
CA PHE E 142 5.30 -24.85 -10.99
C PHE E 142 6.59 -24.25 -10.46
N VAL E 143 7.60 -25.10 -10.30
CA VAL E 143 8.93 -24.64 -9.92
C VAL E 143 9.76 -25.00 -11.15
N VAL E 144 10.42 -24.01 -11.73
CA VAL E 144 11.21 -24.18 -12.93
C VAL E 144 12.48 -23.33 -12.87
N PRO E 145 13.38 -23.48 -13.85
CA PRO E 145 14.61 -22.67 -13.83
C PRO E 145 14.18 -21.21 -13.98
N ALA E 146 15.04 -20.29 -13.58
CA ALA E 146 14.75 -18.86 -13.68
C ALA E 146 15.11 -18.28 -15.05
N THR E 147 15.75 -19.10 -15.88
CA THR E 147 16.20 -18.62 -17.18
C THR E 147 15.13 -17.98 -18.07
N TRP E 148 13.90 -18.45 -18.00
CA TRP E 148 12.84 -17.87 -18.82
C TRP E 148 12.51 -16.40 -18.50
N LEU E 149 13.03 -15.88 -17.39
CA LEU E 149 12.75 -14.49 -17.05
C LEU E 149 13.50 -13.53 -17.98
N VAL E 150 14.63 -13.97 -18.50
CA VAL E 150 15.47 -13.13 -19.35
C VAL E 150 15.85 -13.60 -20.76
N LEU E 151 15.87 -14.91 -21.01
CA LEU E 151 16.29 -15.42 -22.31
C LEU E 151 15.32 -15.31 -23.49
N GLU E 152 15.88 -15.02 -24.67
CA GLU E 152 15.12 -14.89 -25.93
C GLU E 152 14.32 -16.14 -26.28
N ASP E 153 14.90 -17.30 -26.01
CA ASP E 153 14.25 -18.57 -26.29
C ASP E 153 12.87 -18.65 -25.62
N PHE E 154 12.67 -17.84 -24.59
CA PHE E 154 11.41 -17.86 -23.86
C PHE E 154 10.55 -16.59 -24.04
N ALA E 155 10.83 -15.81 -25.08
CA ALA E 155 10.07 -14.59 -25.32
C ALA E 155 8.59 -14.87 -25.61
N LEU E 156 8.33 -15.92 -26.37
CA LEU E 156 6.96 -16.27 -26.70
C LEU E 156 6.24 -16.81 -25.46
N LEU E 157 6.97 -17.53 -24.61
CA LEU E 157 6.38 -18.07 -23.39
C LEU E 157 5.95 -16.92 -22.48
N ARG E 158 6.80 -15.91 -22.33
CA ARG E 158 6.47 -14.76 -21.49
C ARG E 158 5.26 -14.03 -22.06
N GLU E 159 5.27 -13.82 -23.37
CA GLU E 159 4.18 -13.14 -24.05
C GLU E 159 2.88 -13.93 -23.93
N PHE E 160 3.01 -15.25 -23.92
CA PHE E 160 1.87 -16.15 -23.81
C PHE E 160 1.24 -16.03 -22.44
N LEU E 161 2.08 -16.12 -21.42
CA LEU E 161 1.64 -16.00 -20.03
C LEU E 161 0.98 -14.65 -19.77
N ALA E 162 1.58 -13.59 -20.30
CA ALA E 162 1.07 -12.24 -20.13
C ALA E 162 -0.33 -12.04 -20.69
N ARG E 163 -0.63 -12.70 -21.81
CA ARG E 163 -1.95 -12.54 -22.42
C ARG E 163 -2.98 -13.59 -22.00
N GLU E 164 -2.52 -14.70 -21.42
CA GLU E 164 -3.42 -15.75 -20.98
C GLU E 164 -3.96 -15.56 -19.56
N GLY E 165 -3.33 -14.70 -18.77
CA GLY E 165 -3.79 -14.49 -17.40
C GLY E 165 -2.85 -13.65 -16.57
N LYS E 166 -2.89 -13.82 -15.25
CA LYS E 166 -2.03 -13.07 -14.34
C LYS E 166 -0.90 -13.94 -13.83
N THR E 167 0.28 -13.35 -13.64
CA THR E 167 1.44 -14.10 -13.21
C THR E 167 2.19 -13.56 -11.99
N SER E 168 2.59 -14.47 -11.11
CA SER E 168 3.38 -14.10 -9.95
C SER E 168 4.62 -14.98 -10.00
N VAL E 169 5.79 -14.37 -9.86
CA VAL E 169 7.06 -15.11 -9.89
C VAL E 169 7.77 -14.95 -8.57
N TYR E 170 8.14 -16.06 -7.95
CA TYR E 170 8.83 -16.04 -6.66
C TYR E 170 10.23 -16.61 -6.82
N TYR E 171 11.25 -15.77 -6.65
CA TYR E 171 12.65 -16.21 -6.78
C TYR E 171 13.11 -17.07 -5.61
N LEU E 172 13.67 -18.23 -5.92
CA LEU E 172 14.17 -19.16 -4.91
C LEU E 172 15.69 -19.23 -4.97
N GLY E 173 16.22 -19.43 -6.18
CA GLY E 173 17.65 -19.54 -6.37
C GLY E 173 18.04 -21.00 -6.45
N GLU E 174 19.29 -21.30 -6.15
CA GLU E 174 19.78 -22.68 -6.20
C GLU E 174 19.28 -23.45 -4.99
N VAL E 175 18.01 -23.85 -5.01
CA VAL E 175 17.43 -24.58 -3.91
C VAL E 175 17.43 -26.11 -4.09
N PHE E 176 17.96 -26.59 -5.20
CA PHE E 176 18.02 -28.03 -5.44
C PHE E 176 19.44 -28.55 -5.17
N PRO E 177 19.62 -29.33 -4.10
CA PRO E 177 20.93 -29.87 -3.75
C PRO E 177 21.55 -30.68 -4.89
N GLN E 178 22.86 -30.51 -5.08
CA GLN E 178 23.62 -31.16 -6.14
C GLN E 178 22.97 -31.01 -7.52
N LYS E 179 22.22 -29.92 -7.69
CA LYS E 179 21.57 -29.62 -8.96
C LYS E 179 21.92 -28.18 -9.32
N LYS E 180 22.74 -28.00 -10.34
CA LYS E 180 23.18 -26.69 -10.78
C LYS E 180 22.13 -25.92 -11.57
N VAL E 181 21.20 -25.29 -10.85
CA VAL E 181 20.14 -24.50 -11.47
C VAL E 181 19.54 -23.52 -10.47
N SER E 182 19.27 -22.29 -10.94
CA SER E 182 18.67 -21.24 -10.14
C SER E 182 17.18 -21.33 -10.46
N ALA E 183 16.36 -21.57 -9.44
CA ALA E 183 14.93 -21.74 -9.66
C ALA E 183 13.98 -20.64 -9.16
N VAL E 184 12.81 -20.64 -9.77
CA VAL E 184 11.74 -19.72 -9.41
C VAL E 184 10.44 -20.52 -9.36
N VAL E 185 9.48 -20.01 -8.60
CA VAL E 185 8.19 -20.65 -8.52
C VAL E 185 7.27 -19.69 -9.26
N ILE E 186 6.40 -20.22 -10.09
CA ILE E 186 5.49 -19.37 -10.80
C ILE E 186 4.07 -19.77 -10.43
N ARG E 187 3.27 -18.77 -10.08
CA ARG E 187 1.87 -19.01 -9.76
C ARG E 187 1.11 -18.29 -10.87
N PHE E 188 0.48 -19.06 -11.74
CA PHE E 188 -0.28 -18.48 -12.83
C PHE E 188 -1.76 -18.72 -12.68
N GLN E 189 -2.56 -17.71 -12.94
CA GLN E 189 -4.01 -17.85 -12.87
C GLN E 189 -4.58 -17.46 -14.22
N LYS E 190 -5.39 -18.34 -14.79
CA LYS E 190 -5.97 -18.09 -16.09
C LYS E 190 -7.14 -17.11 -16.00
N SER E 191 -6.81 -15.87 -15.68
CA SER E 191 -7.76 -14.78 -15.56
C SER E 191 -6.95 -13.55 -15.22
N GLY E 192 -7.56 -12.38 -15.34
CA GLY E 192 -6.86 -11.14 -15.03
C GLY E 192 -5.63 -10.93 -15.89
N LYS E 193 -4.74 -10.05 -15.43
CA LYS E 193 -3.53 -9.75 -16.16
C LYS E 193 -2.49 -9.17 -15.21
N GLY E 194 -1.30 -8.91 -15.73
CA GLY E 194 -0.26 -8.34 -14.90
C GLY E 194 0.77 -9.35 -14.44
N LEU E 195 1.80 -8.82 -13.79
CA LEU E 195 2.88 -9.64 -13.27
C LEU E 195 3.28 -9.12 -11.91
N SER E 196 3.60 -10.03 -11.00
CA SER E 196 4.04 -9.66 -9.67
C SER E 196 5.34 -10.41 -9.44
N LEU E 197 6.38 -9.69 -9.04
CA LEU E 197 7.68 -10.31 -8.78
C LEU E 197 7.94 -10.31 -7.29
N TRP E 198 8.26 -11.48 -6.76
CA TRP E 198 8.54 -11.63 -5.32
C TRP E 198 9.89 -12.25 -5.06
N ASP E 199 10.50 -11.87 -3.94
CA ASP E 199 11.77 -12.45 -3.52
C ASP E 199 11.30 -13.35 -2.39
N THR E 200 12.17 -14.20 -1.85
CA THR E 200 11.75 -15.06 -0.75
C THR E 200 12.80 -15.10 0.34
N GLN E 201 12.36 -15.45 1.54
CA GLN E 201 13.22 -15.57 2.70
C GLN E 201 13.09 -17.01 3.20
N GLU E 202 14.22 -17.71 3.34
CA GLU E 202 14.19 -19.09 3.80
C GLU E 202 14.46 -19.21 5.30
N SER E 203 13.58 -19.96 5.98
CA SER E 203 13.71 -20.18 7.42
C SER E 203 13.40 -21.64 7.70
N GLU E 204 13.57 -22.05 8.96
CA GLU E 204 13.28 -23.42 9.33
C GLU E 204 11.79 -23.66 9.05
N SER E 205 10.98 -22.64 9.34
CA SER E 205 9.54 -22.72 9.13
C SER E 205 9.19 -22.77 7.64
N GLY E 206 10.18 -22.56 6.78
CA GLY E 206 9.93 -22.59 5.35
C GLY E 206 10.19 -21.28 4.61
N PHE E 207 9.67 -21.19 3.39
CA PHE E 207 9.85 -20.02 2.56
C PHE E 207 8.77 -18.97 2.77
N THR E 208 9.20 -17.71 2.87
CA THR E 208 8.26 -16.61 3.05
C THR E 208 8.43 -15.65 1.87
N PRO E 209 7.33 -15.39 1.13
CA PRO E 209 7.36 -14.49 -0.02
C PRO E 209 7.46 -13.02 0.38
N ILE E 210 8.28 -12.28 -0.34
CA ILE E 210 8.46 -10.85 -0.08
C ILE E 210 8.19 -10.11 -1.38
N LEU E 211 7.14 -9.29 -1.39
CA LEU E 211 6.79 -8.54 -2.58
C LEU E 211 7.92 -7.61 -2.98
N TRP E 212 8.34 -7.70 -4.24
CA TRP E 212 9.43 -6.87 -4.73
C TRP E 212 8.93 -5.76 -5.64
N ALA E 213 8.19 -6.11 -6.68
CA ALA E 213 7.67 -5.12 -7.61
C ALA E 213 6.44 -5.65 -8.32
N GLU E 214 5.68 -4.75 -8.92
CA GLU E 214 4.46 -5.11 -9.64
C GLU E 214 4.41 -4.44 -11.01
N TYR E 215 4.07 -5.21 -12.03
CA TYR E 215 3.95 -4.70 -13.39
C TYR E 215 2.57 -5.07 -13.92
N PRO E 216 1.55 -4.26 -13.58
CA PRO E 216 0.17 -4.48 -13.99
C PRO E 216 -0.07 -4.59 -15.50
N HIS E 217 0.78 -3.96 -16.30
CA HIS E 217 0.60 -4.01 -17.75
C HIS E 217 1.64 -4.85 -18.48
N TRP E 218 2.29 -5.75 -17.74
CA TRP E 218 3.30 -6.64 -18.31
C TRP E 218 2.75 -7.29 -19.57
N GLU E 219 3.52 -7.26 -20.66
CA GLU E 219 3.08 -7.86 -21.91
C GLU E 219 4.07 -8.95 -22.35
N GLY E 220 4.97 -9.32 -21.44
CA GLY E 220 5.95 -10.34 -21.77
C GLY E 220 7.39 -9.84 -21.80
N GLU E 221 7.60 -8.61 -21.34
CA GLU E 221 8.94 -8.05 -21.31
C GLU E 221 9.86 -8.88 -20.42
N ILE E 222 11.17 -8.72 -20.61
CA ILE E 222 12.15 -9.41 -19.80
C ILE E 222 11.87 -9.04 -18.35
N ILE E 223 11.95 -10.02 -17.45
CA ILE E 223 11.69 -9.79 -16.03
C ILE E 223 12.99 -9.58 -15.25
N ARG E 224 13.06 -8.48 -14.51
CA ARG E 224 14.25 -8.14 -13.75
C ARG E 224 13.91 -7.68 -12.34
N PHE E 225 14.92 -7.66 -11.47
CA PHE E 225 14.75 -7.19 -10.12
C PHE E 225 15.29 -5.76 -10.11
N GLU E 226 14.39 -4.81 -10.36
CA GLU E 226 14.76 -3.39 -10.40
C GLU E 226 14.67 -2.70 -9.05
N THR E 227 15.45 -1.64 -8.91
CA THR E 227 15.49 -0.85 -7.69
C THR E 227 15.62 0.62 -8.11
N GLU E 228 15.42 1.51 -7.16
CA GLU E 228 15.55 2.95 -7.42
C GLU E 228 16.97 3.20 -7.96
N GLU E 229 17.94 2.44 -7.45
CA GLU E 229 19.32 2.59 -7.89
C GLU E 229 19.53 2.17 -9.35
N THR E 230 19.08 0.97 -9.71
CA THR E 230 19.25 0.51 -11.10
C THR E 230 18.56 1.46 -12.07
N ARG E 231 17.38 1.95 -11.70
CA ARG E 231 16.63 2.88 -12.54
C ARG E 231 17.42 4.17 -12.71
N LYS E 232 17.87 4.73 -11.60
CA LYS E 232 18.63 5.97 -11.61
C LYS E 232 19.88 5.84 -12.48
N LEU E 233 20.53 4.69 -12.42
CA LEU E 233 21.74 4.47 -13.20
C LEU E 233 21.45 4.29 -14.70
N GLU E 234 20.34 3.62 -15.02
CA GLU E 234 20.01 3.41 -16.43
C GLU E 234 19.65 4.70 -17.17
N ILE E 235 19.01 5.66 -16.50
CA ILE E 235 18.68 6.89 -17.21
C ILE E 235 19.82 7.91 -17.15
N SER E 236 20.93 7.55 -16.52
CA SER E 236 22.05 8.46 -16.41
C SER E 236 22.94 8.46 -17.63
N GLY E 237 22.75 7.47 -18.51
CA GLY E 237 23.58 7.39 -19.69
C GLY E 237 22.88 6.74 -20.87
N MET E 238 23.62 6.59 -21.96
CA MET E 238 23.06 5.98 -23.16
C MET E 238 23.27 4.48 -23.10
N PRO E 239 22.27 3.70 -23.55
CA PRO E 239 22.40 2.24 -23.54
C PRO E 239 23.60 1.86 -24.41
N LEU E 240 24.43 0.95 -23.92
CA LEU E 240 25.62 0.50 -24.65
C LEU E 240 25.27 0.07 -26.07
N GLY E 241 24.09 -0.52 -26.23
CA GLY E 241 23.64 -0.98 -27.53
C GLY E 241 23.38 0.12 -28.54
N ASP E 242 23.27 1.37 -28.08
CA ASP E 242 23.03 2.48 -29.00
C ASP E 242 24.35 3.04 -29.52
N LEU E 243 25.44 2.62 -28.88
CA LEU E 243 26.76 3.08 -29.26
C LEU E 243 27.53 2.02 -30.07
N PHE E 244 27.22 0.75 -29.82
CA PHE E 244 27.90 -0.36 -30.49
C PHE E 244 27.04 -1.39 -31.18
N HIS E 245 27.57 -1.91 -32.29
CA HIS E 245 26.91 -3.00 -33.01
C HIS E 245 27.44 -4.16 -32.16
N ILE E 246 26.61 -5.12 -31.81
CA ILE E 246 27.11 -6.23 -30.99
C ILE E 246 27.05 -7.55 -31.76
N ARG E 247 28.22 -8.15 -31.96
CA ARG E 247 28.37 -9.42 -32.67
C ARG E 247 28.96 -10.46 -31.74
N PHE E 248 28.86 -11.72 -32.10
CA PHE E 248 29.44 -12.76 -31.28
C PHE E 248 30.56 -13.44 -32.06
N ALA E 249 31.43 -14.13 -31.34
CA ALA E 249 32.55 -14.82 -31.98
C ALA E 249 32.10 -15.95 -32.89
N ALA E 250 32.91 -16.25 -33.90
CA ALA E 250 32.61 -17.36 -34.81
C ALA E 250 32.67 -18.58 -33.88
N ARG E 251 31.92 -19.63 -34.21
CA ARG E 251 31.88 -20.82 -33.37
C ARG E 251 33.02 -21.82 -33.60
N SER E 252 33.25 -22.70 -32.64
CA SER E 252 34.32 -23.70 -32.72
C SER E 252 34.37 -24.50 -34.02
N PRO E 253 33.21 -24.94 -34.53
CA PRO E 253 33.17 -25.71 -35.79
C PRO E 253 33.73 -24.95 -36.99
N GLU E 254 33.43 -23.66 -37.07
CA GLU E 254 33.93 -22.84 -38.17
C GLU E 254 35.46 -22.86 -38.19
N PHE E 255 36.06 -22.66 -37.02
CA PHE E 255 37.51 -22.67 -36.91
C PHE E 255 38.06 -24.06 -37.23
N LYS E 256 37.49 -25.08 -36.58
CA LYS E 256 37.95 -26.45 -36.77
C LYS E 256 38.05 -26.92 -38.21
N LYS E 257 37.18 -26.44 -39.08
CA LYS E 257 37.26 -26.89 -40.46
C LYS E 257 38.00 -25.92 -41.38
N HIS E 258 38.35 -24.74 -40.86
CA HIS E 258 39.05 -23.76 -41.68
C HIS E 258 40.47 -24.27 -41.98
N PRO E 259 40.87 -24.25 -43.27
CA PRO E 259 42.19 -24.71 -43.70
C PRO E 259 43.40 -24.03 -43.07
N ALA E 260 43.22 -22.80 -42.59
CA ALA E 260 44.34 -22.07 -41.98
C ALA E 260 44.54 -22.38 -40.50
N VAL E 261 43.59 -23.09 -39.90
CA VAL E 261 43.66 -23.43 -38.50
C VAL E 261 44.41 -24.75 -38.27
N ARG E 262 45.21 -24.80 -37.22
CA ARG E 262 45.99 -25.98 -36.88
C ARG E 262 45.69 -26.42 -35.44
N LYS E 263 46.01 -27.67 -35.14
CA LYS E 263 45.79 -28.21 -33.80
C LYS E 263 47.08 -28.11 -32.99
N GLU E 264 48.10 -27.48 -33.55
CA GLU E 264 49.37 -27.36 -32.86
C GLU E 264 50.03 -26.01 -33.11
N PRO E 265 50.76 -25.47 -32.12
CA PRO E 265 51.43 -24.18 -32.27
C PRO E 265 52.48 -24.23 -33.37
N GLY E 266 52.84 -23.07 -33.91
CA GLY E 266 53.84 -23.05 -34.97
C GLY E 266 54.25 -21.64 -35.35
N PRO E 267 55.30 -21.50 -36.18
CA PRO E 267 55.75 -20.16 -36.58
C PRO E 267 54.66 -19.37 -37.28
N GLY E 268 54.55 -18.09 -36.91
CA GLY E 268 53.54 -17.23 -37.51
C GLY E 268 52.14 -17.58 -37.02
N LEU E 269 52.03 -18.59 -36.17
CA LEU E 269 50.74 -19.01 -35.65
C LEU E 269 50.40 -18.41 -34.30
N VAL E 270 49.13 -18.09 -34.10
CA VAL E 270 48.67 -17.52 -32.85
C VAL E 270 47.43 -18.26 -32.36
N PRO E 271 47.26 -18.38 -31.04
CA PRO E 271 46.09 -19.08 -30.51
C PRO E 271 44.74 -18.40 -30.72
N VAL E 272 43.72 -19.23 -30.95
CA VAL E 272 42.37 -18.74 -31.10
C VAL E 272 41.91 -18.63 -29.65
N LEU E 273 41.67 -17.39 -29.22
CA LEU E 273 41.28 -17.10 -27.85
C LEU E 273 39.86 -17.50 -27.44
N THR E 274 39.67 -17.70 -26.14
CA THR E 274 38.36 -18.06 -25.59
C THR E 274 38.14 -17.21 -24.35
N GLY E 275 37.03 -17.41 -23.66
CA GLY E 275 36.76 -16.65 -22.46
C GLY E 275 37.89 -16.72 -21.46
N ARG E 276 38.64 -17.82 -21.49
CA ARG E 276 39.77 -17.99 -20.57
C ARG E 276 40.93 -17.04 -20.88
N ASN E 277 40.91 -16.44 -22.06
CA ASN E 277 41.96 -15.50 -22.44
C ASN E 277 41.56 -14.06 -22.08
N LEU E 278 40.28 -13.86 -21.79
CA LEU E 278 39.77 -12.54 -21.44
C LEU E 278 39.74 -12.29 -19.94
N LYS E 279 40.42 -11.24 -19.50
CA LYS E 279 40.44 -10.89 -18.09
C LYS E 279 39.94 -9.46 -17.96
N PRO E 280 39.65 -9.02 -16.73
CA PRO E 280 39.17 -7.64 -16.56
C PRO E 280 40.27 -6.63 -16.91
N GLY E 281 40.07 -5.92 -18.02
CA GLY E 281 41.03 -4.90 -18.42
C GLY E 281 42.18 -5.32 -19.33
N TRP E 282 42.40 -6.62 -19.51
CA TRP E 282 43.47 -7.07 -20.38
C TRP E 282 43.21 -8.42 -21.05
N VAL E 283 44.04 -8.74 -22.03
CA VAL E 283 43.90 -9.98 -22.77
C VAL E 283 45.18 -10.80 -22.72
N ASP E 284 45.04 -12.08 -22.40
CA ASP E 284 46.17 -12.99 -22.36
C ASP E 284 46.29 -13.54 -23.78
N TYR E 285 47.23 -13.01 -24.55
CA TYR E 285 47.44 -13.42 -25.93
C TYR E 285 48.31 -14.67 -26.10
N GLU E 286 49.01 -15.08 -25.04
CA GLU E 286 49.90 -16.24 -25.13
C GLU E 286 49.30 -17.62 -24.87
N LYS E 287 48.54 -17.74 -23.79
CA LYS E 287 47.94 -19.02 -23.44
C LYS E 287 46.90 -19.54 -24.43
N ASN E 288 46.93 -20.85 -24.65
CA ASN E 288 45.98 -21.47 -25.57
C ASN E 288 45.05 -22.38 -24.78
N HIS E 289 43.75 -22.08 -24.83
CA HIS E 289 42.74 -22.85 -24.13
C HIS E 289 41.78 -23.55 -25.10
N SER E 290 41.90 -23.24 -26.39
CA SER E 290 41.01 -23.82 -27.40
C SER E 290 41.57 -25.03 -28.15
N GLY E 291 42.89 -25.19 -28.14
CA GLY E 291 43.50 -26.30 -28.85
C GLY E 291 43.60 -25.97 -30.33
N LEU E 292 43.34 -24.69 -30.65
CA LEU E 292 43.38 -24.21 -32.03
C LEU E 292 44.39 -23.06 -32.20
N TRP E 293 45.07 -23.04 -33.34
CA TRP E 293 46.07 -22.02 -33.67
C TRP E 293 45.90 -21.61 -35.13
N MET E 294 46.21 -20.36 -35.45
CA MET E 294 46.11 -19.88 -36.82
C MET E 294 46.83 -18.56 -37.01
N PRO E 295 47.17 -18.23 -38.26
CA PRO E 295 47.85 -16.96 -38.48
C PRO E 295 46.85 -15.83 -38.21
N LYS E 296 47.30 -14.83 -37.45
CA LYS E 296 46.46 -13.69 -37.10
C LYS E 296 45.77 -13.00 -38.28
N GLU E 297 46.52 -12.73 -39.34
CA GLU E 297 45.98 -12.04 -40.50
C GLU E 297 44.84 -12.77 -41.21
N ARG E 298 44.75 -14.09 -41.00
CA ARG E 298 43.71 -14.88 -41.64
C ARG E 298 42.40 -14.89 -40.86
N ALA E 299 42.44 -14.37 -39.64
CA ALA E 299 41.25 -14.33 -38.79
C ALA E 299 40.09 -13.59 -39.44
N LYS E 300 40.39 -12.55 -40.22
CA LYS E 300 39.33 -11.79 -40.87
C LYS E 300 38.51 -12.63 -41.84
N GLU E 301 38.99 -13.82 -42.16
CA GLU E 301 38.27 -14.70 -43.08
C GLU E 301 37.05 -15.34 -42.40
N LEU E 302 37.09 -15.44 -41.07
CA LEU E 302 35.97 -16.02 -40.35
C LEU E 302 34.98 -14.92 -39.92
N ARG E 303 35.53 -13.77 -39.54
CA ARG E 303 34.76 -12.59 -39.15
C ARG E 303 35.62 -11.38 -39.54
N ASP E 304 35.07 -10.49 -40.35
CA ASP E 304 35.80 -9.31 -40.80
C ASP E 304 36.31 -8.41 -39.67
N PHE E 305 35.55 -8.29 -38.59
CA PHE E 305 35.97 -7.43 -37.50
C PHE E 305 37.17 -7.95 -36.71
N TYR E 306 37.60 -9.17 -36.98
CA TYR E 306 38.75 -9.72 -36.27
C TYR E 306 40.01 -8.97 -36.69
N ALA E 307 39.90 -8.19 -37.76
CA ALA E 307 41.03 -7.42 -38.27
C ALA E 307 41.16 -6.05 -37.62
N THR E 308 40.15 -5.65 -36.85
CA THR E 308 40.17 -4.34 -36.21
C THR E 308 40.21 -4.35 -34.69
N PRO E 309 41.11 -3.56 -34.08
CA PRO E 309 41.18 -3.54 -32.62
C PRO E 309 39.79 -3.11 -32.13
N HIS E 310 39.25 -3.79 -31.14
CA HIS E 310 37.92 -3.44 -30.67
C HIS E 310 37.66 -3.91 -29.24
N LEU E 311 36.52 -3.50 -28.71
CA LEU E 311 36.11 -3.85 -27.35
C LEU E 311 35.54 -5.27 -27.28
N VAL E 312 35.97 -6.03 -26.28
CA VAL E 312 35.49 -7.40 -26.08
C VAL E 312 34.82 -7.53 -24.70
N VAL E 313 33.64 -8.13 -24.67
CA VAL E 313 32.91 -8.33 -23.41
C VAL E 313 32.61 -9.82 -23.23
N ALA E 314 32.81 -10.30 -22.01
CA ALA E 314 32.59 -11.72 -21.70
C ALA E 314 31.13 -12.14 -21.67
N HIS E 315 30.91 -13.40 -22.04
CA HIS E 315 29.57 -13.98 -22.08
C HIS E 315 29.38 -15.06 -21.04
N THR E 316 30.43 -15.81 -20.74
CA THR E 316 30.29 -16.90 -19.78
C THR E 316 31.21 -16.86 -18.54
N LYS E 317 31.09 -15.79 -17.77
CA LYS E 317 31.85 -15.64 -16.54
C LYS E 317 30.82 -15.36 -15.45
N GLY E 318 29.59 -15.80 -15.70
CA GLY E 318 28.52 -15.57 -14.74
C GLY E 318 27.87 -14.23 -15.00
N THR E 319 27.06 -13.76 -14.07
CA THR E 319 26.39 -12.49 -14.25
C THR E 319 27.21 -11.32 -13.74
N ARG E 320 28.10 -10.85 -14.62
CA ARG E 320 28.97 -9.72 -14.34
C ARG E 320 29.48 -9.17 -15.66
N VAL E 321 30.16 -8.03 -15.59
CA VAL E 321 30.68 -7.42 -16.79
C VAL E 321 32.20 -7.40 -16.77
N VAL E 322 32.79 -8.21 -17.64
CA VAL E 322 34.23 -8.32 -17.78
C VAL E 322 34.56 -7.87 -19.20
N ALA E 323 35.31 -6.78 -19.32
CA ALA E 323 35.65 -6.24 -20.63
C ALA E 323 37.14 -5.91 -20.76
N ALA E 324 37.60 -5.81 -22.00
CA ALA E 324 38.99 -5.46 -22.28
C ALA E 324 39.10 -5.06 -23.75
N TRP E 325 40.08 -4.22 -24.05
CA TRP E 325 40.28 -3.78 -25.42
C TRP E 325 41.28 -4.71 -26.09
N ASP E 326 40.86 -5.34 -27.18
CA ASP E 326 41.76 -6.23 -27.93
C ASP E 326 42.53 -5.32 -28.88
N GLU E 327 43.66 -4.80 -28.42
CA GLU E 327 44.45 -3.91 -29.26
C GLU E 327 45.18 -4.61 -30.41
N ARG E 328 45.48 -5.90 -30.25
CA ARG E 328 46.18 -6.64 -31.29
C ARG E 328 45.24 -7.14 -32.39
N ALA E 329 43.97 -7.32 -32.05
CA ALA E 329 42.99 -7.82 -33.02
C ALA E 329 43.31 -9.29 -33.33
N TYR E 330 42.89 -10.16 -32.42
CA TYR E 330 43.13 -11.60 -32.54
C TYR E 330 41.89 -12.38 -32.96
N PRO E 331 42.08 -13.65 -33.32
CA PRO E 331 40.90 -14.44 -33.70
C PRO E 331 40.32 -14.93 -32.38
N TRP E 332 39.00 -14.85 -32.23
CA TRP E 332 38.34 -15.32 -31.01
C TRP E 332 37.34 -16.44 -31.29
N ARG E 333 37.22 -17.37 -30.35
CA ARG E 333 36.28 -18.47 -30.47
C ARG E 333 35.06 -18.20 -29.59
N GLU E 334 35.15 -17.19 -28.73
CA GLU E 334 34.06 -16.84 -27.81
C GLU E 334 33.95 -15.34 -27.53
N GLU E 335 32.95 -15.00 -26.72
CA GLU E 335 32.67 -13.64 -26.26
C GLU E 335 31.96 -12.69 -27.22
N PHE E 336 31.58 -11.53 -26.70
CA PHE E 336 30.90 -10.49 -27.48
C PHE E 336 31.95 -9.56 -28.08
N HIS E 337 31.69 -9.09 -29.30
CA HIS E 337 32.60 -8.19 -29.96
C HIS E 337 31.81 -6.97 -30.37
N LEU E 338 32.16 -5.84 -29.78
CA LEU E 338 31.49 -4.57 -30.01
C LEU E 338 32.24 -3.63 -30.93
N LEU E 339 31.57 -3.24 -32.01
CA LEU E 339 32.14 -2.33 -32.99
C LEU E 339 31.37 -1.03 -32.87
N PRO E 340 32.07 0.09 -32.69
CA PRO E 340 31.39 1.38 -32.56
C PRO E 340 30.57 1.71 -33.80
N LYS E 341 29.40 2.31 -33.60
CA LYS E 341 28.52 2.67 -34.71
C LYS E 341 28.99 3.98 -35.34
N GLU E 342 28.54 4.24 -36.57
CA GLU E 342 28.92 5.45 -37.27
C GLU E 342 28.72 6.71 -36.43
N GLY E 343 29.76 7.55 -36.38
CA GLY E 343 29.68 8.78 -35.62
C GLY E 343 29.93 8.65 -34.14
N VAL E 344 30.13 7.42 -33.67
CA VAL E 344 30.39 7.20 -32.25
C VAL E 344 31.85 7.48 -31.86
N ARG E 345 32.03 8.36 -30.88
CA ARG E 345 33.35 8.70 -30.37
C ARG E 345 33.49 8.05 -29.00
N LEU E 346 34.61 7.38 -28.74
CA LEU E 346 34.78 6.71 -27.46
C LEU E 346 36.19 6.81 -26.87
N ASP E 347 36.30 6.44 -25.60
CA ASP E 347 37.57 6.44 -24.89
C ASP E 347 37.74 5.03 -24.32
N PRO E 348 38.29 4.12 -25.14
CA PRO E 348 38.52 2.71 -24.78
C PRO E 348 38.95 2.50 -23.33
N SER E 349 40.07 3.09 -22.96
CA SER E 349 40.61 2.95 -21.61
C SER E 349 39.58 3.28 -20.52
N SER E 350 38.93 4.42 -20.64
CA SER E 350 37.94 4.81 -19.63
C SER E 350 36.66 3.98 -19.69
N LEU E 351 36.25 3.59 -20.89
CA LEU E 351 35.04 2.79 -21.04
C LEU E 351 35.26 1.39 -20.43
N VAL E 352 36.45 0.86 -20.66
CA VAL E 352 36.80 -0.45 -20.13
C VAL E 352 36.77 -0.39 -18.61
N GLN E 353 37.35 0.67 -18.04
CA GLN E 353 37.36 0.81 -16.59
C GLN E 353 35.94 0.89 -16.03
N TRP E 354 35.06 1.61 -16.74
CA TRP E 354 33.67 1.75 -16.30
C TRP E 354 32.97 0.38 -16.32
N LEU E 355 33.15 -0.34 -17.43
CA LEU E 355 32.52 -1.66 -17.57
C LEU E 355 32.98 -2.64 -16.50
N ASN E 356 34.24 -2.54 -16.08
CA ASN E 356 34.78 -3.44 -15.06
C ASN E 356 34.65 -2.90 -13.63
N SER E 357 34.07 -1.71 -13.49
CA SER E 357 33.92 -1.09 -12.17
C SER E 357 33.01 -1.90 -11.25
N GLU E 358 33.21 -1.74 -9.95
CA GLU E 358 32.40 -2.45 -8.96
C GLU E 358 30.95 -2.04 -9.08
N ALA E 359 30.72 -0.78 -9.41
CA ALA E 359 29.37 -0.25 -9.56
C ALA E 359 28.60 -1.02 -10.63
N MET E 360 29.26 -1.31 -11.74
CA MET E 360 28.63 -2.05 -12.82
C MET E 360 28.34 -3.49 -12.41
N GLN E 361 29.28 -4.10 -11.68
CA GLN E 361 29.07 -5.48 -11.24
C GLN E 361 27.81 -5.57 -10.37
N LYS E 362 27.66 -4.62 -9.45
CA LYS E 362 26.48 -4.61 -8.59
C LYS E 362 25.21 -4.36 -9.38
N HIS E 363 25.32 -3.53 -10.41
CA HIS E 363 24.16 -3.20 -11.24
C HIS E 363 23.54 -4.45 -11.87
N VAL E 364 24.35 -5.23 -12.58
CA VAL E 364 23.83 -6.43 -13.22
C VAL E 364 23.46 -7.52 -12.22
N ARG E 365 24.19 -7.60 -11.11
CA ARG E 365 23.90 -8.61 -10.07
C ARG E 365 22.51 -8.35 -9.49
N THR E 366 22.19 -7.08 -9.29
CA THR E 366 20.90 -6.71 -8.73
C THR E 366 19.76 -7.05 -9.68
N LEU E 367 19.92 -6.68 -10.95
CA LEU E 367 18.92 -6.91 -11.97
C LEU E 367 18.68 -8.36 -12.38
N TYR E 368 19.75 -9.12 -12.55
CA TYR E 368 19.63 -10.49 -13.04
C TYR E 368 20.08 -11.59 -12.08
N ARG E 369 20.55 -11.21 -10.90
CA ARG E 369 21.01 -12.18 -9.91
C ARG E 369 21.76 -13.32 -10.58
N ASP E 370 21.31 -14.56 -10.35
CA ASP E 370 21.95 -15.74 -10.93
C ASP E 370 21.00 -16.56 -11.82
N PHE E 371 20.07 -15.90 -12.49
CA PHE E 371 19.11 -16.60 -13.33
C PHE E 371 19.84 -17.53 -14.30
N VAL E 372 20.87 -17.00 -14.94
CA VAL E 372 21.66 -17.76 -15.91
C VAL E 372 23.15 -17.51 -15.68
N PRO E 373 24.00 -18.46 -16.11
CA PRO E 373 25.45 -18.31 -15.93
C PRO E 373 26.13 -17.46 -17.01
N HIS E 374 25.52 -16.34 -17.38
CA HIS E 374 26.09 -15.48 -18.42
C HIS E 374 25.68 -14.02 -18.26
N LEU E 375 26.25 -13.23 -19.15
CA LEU E 375 25.89 -11.83 -19.31
C LEU E 375 25.37 -11.99 -20.73
N THR E 376 24.06 -11.92 -20.94
CA THR E 376 23.53 -12.11 -22.29
C THR E 376 23.49 -10.78 -23.04
N LEU E 377 23.25 -10.87 -24.34
CA LEU E 377 23.18 -9.69 -25.20
C LEU E 377 22.12 -8.73 -24.67
N ARG E 378 20.97 -9.27 -24.29
CA ARG E 378 19.89 -8.44 -23.79
C ARG E 378 20.31 -7.65 -22.55
N MET E 379 21.20 -8.22 -21.76
CA MET E 379 21.70 -7.54 -20.57
C MET E 379 22.73 -6.50 -20.99
N LEU E 380 23.68 -6.95 -21.81
CA LEU E 380 24.75 -6.10 -22.33
C LEU E 380 24.28 -4.83 -23.05
N GLU E 381 23.23 -4.96 -23.88
CA GLU E 381 22.67 -3.85 -24.64
C GLU E 381 22.24 -2.68 -23.78
N ARG E 382 21.65 -2.98 -22.63
CA ARG E 382 21.13 -1.96 -21.73
C ARG E 382 22.10 -1.33 -20.75
N LEU E 383 23.36 -1.73 -20.78
CA LEU E 383 24.33 -1.14 -19.87
C LEU E 383 24.45 0.34 -20.20
N PRO E 384 24.32 1.20 -19.19
CA PRO E 384 24.40 2.66 -19.37
C PRO E 384 25.83 3.19 -19.49
N VAL E 385 26.05 4.03 -20.50
CA VAL E 385 27.35 4.63 -20.75
C VAL E 385 27.16 6.15 -20.86
N ARG E 386 27.79 6.90 -19.96
CA ARG E 386 27.67 8.35 -20.01
C ARG E 386 28.74 8.96 -20.92
N ARG E 387 28.54 10.23 -21.27
CA ARG E 387 29.43 10.98 -22.16
C ARG E 387 30.93 10.86 -21.86
N GLU E 388 31.29 10.67 -20.60
CA GLU E 388 32.69 10.54 -20.21
C GLU E 388 33.37 9.36 -20.92
N TYR E 389 32.58 8.33 -21.25
CA TYR E 389 33.13 7.13 -21.88
C TYR E 389 32.82 6.97 -23.36
N GLY E 390 31.59 7.31 -23.74
CA GLY E 390 31.20 7.20 -25.13
C GLY E 390 30.22 8.30 -25.47
N PHE E 391 30.37 8.87 -26.66
CA PHE E 391 29.49 9.95 -27.09
C PHE E 391 29.05 9.74 -28.53
N HIS E 392 27.76 9.87 -28.77
CA HIS E 392 27.22 9.71 -30.11
C HIS E 392 27.08 11.10 -30.71
N THR E 393 27.67 11.30 -31.89
CA THR E 393 27.60 12.60 -32.55
C THR E 393 26.37 12.71 -33.45
N VAL F 1 -17.77 38.68 12.11
CA VAL F 1 -18.68 37.54 12.45
C VAL F 1 -19.93 38.02 13.17
N GLU F 2 -21.08 37.83 12.53
CA GLU F 2 -22.35 38.23 13.13
C GLU F 2 -23.24 37.03 13.41
N THR F 3 -24.29 37.26 14.18
CA THR F 3 -25.23 36.20 14.52
C THR F 3 -26.53 36.52 13.78
N PRO F 4 -27.14 35.52 13.15
CA PRO F 4 -28.40 35.76 12.43
C PRO F 4 -29.48 36.23 13.39
N PRO F 5 -30.25 37.27 13.00
CA PRO F 5 -31.33 37.82 13.82
C PRO F 5 -32.24 36.76 14.44
N GLU F 6 -32.60 35.75 13.65
CA GLU F 6 -33.46 34.67 14.13
C GLU F 6 -32.84 33.97 15.32
N VAL F 7 -31.53 33.77 15.29
CA VAL F 7 -30.81 33.12 16.39
C VAL F 7 -30.78 34.02 17.63
N VAL F 8 -30.58 35.32 17.41
CA VAL F 8 -30.54 36.26 18.53
C VAL F 8 -31.91 36.31 19.19
N ASP F 9 -32.96 36.26 18.36
CA ASP F 9 -34.35 36.29 18.80
C ASP F 9 -34.64 35.10 19.70
N PHE F 10 -34.20 33.93 19.25
CA PHE F 10 -34.41 32.70 20.01
C PHE F 10 -33.64 32.73 21.33
N MET F 11 -32.39 33.17 21.28
CA MET F 11 -31.59 33.23 22.49
C MET F 11 -32.13 34.23 23.52
N VAL F 12 -32.57 35.40 23.05
CA VAL F 12 -33.14 36.40 23.96
C VAL F 12 -34.38 35.83 24.65
N SER F 13 -35.20 35.10 23.88
CA SER F 13 -36.41 34.49 24.42
C SER F 13 -36.10 33.47 25.50
N LEU F 14 -34.88 32.97 25.53
CA LEU F 14 -34.49 31.99 26.54
C LEU F 14 -33.84 32.69 27.73
N ALA F 15 -33.34 33.90 27.51
CA ALA F 15 -32.67 34.64 28.56
C ALA F 15 -33.63 35.29 29.54
N GLU F 16 -33.15 35.49 30.76
CA GLU F 16 -33.93 36.11 31.81
C GLU F 16 -32.96 36.67 32.84
N ALA F 17 -33.42 37.69 33.56
CA ALA F 17 -32.60 38.32 34.58
C ALA F 17 -33.54 39.06 35.52
N PRO F 18 -33.16 39.18 36.79
CA PRO F 18 -33.99 39.90 37.76
C PRO F 18 -33.93 41.39 37.50
N ARG F 19 -34.94 42.12 37.96
CA ARG F 19 -34.97 43.57 37.77
C ARG F 19 -33.68 44.15 38.34
N GLY F 20 -33.08 45.10 37.62
CA GLY F 20 -31.85 45.70 38.07
C GLY F 20 -30.67 44.74 37.98
N GLY F 21 -30.90 43.59 37.33
CA GLY F 21 -29.84 42.60 37.21
C GLY F 21 -28.70 43.04 36.31
N ARG F 22 -27.54 42.43 36.49
CA ARG F 22 -26.36 42.73 35.69
C ARG F 22 -26.35 41.82 34.46
N VAL F 23 -26.37 42.42 33.28
CA VAL F 23 -26.39 41.69 32.02
C VAL F 23 -25.11 41.94 31.23
N LEU F 24 -24.42 40.86 30.88
CA LEU F 24 -23.14 40.95 30.17
C LEU F 24 -23.08 40.28 28.80
N GLU F 25 -22.42 40.94 27.85
CA GLU F 25 -22.23 40.35 26.53
C GLU F 25 -20.73 40.26 26.26
N PRO F 26 -20.18 39.04 26.26
CA PRO F 26 -18.75 38.85 26.01
C PRO F 26 -18.49 38.97 24.50
N ALA F 27 -17.27 39.38 24.10
CA ALA F 27 -16.95 39.52 22.68
C ALA F 27 -18.11 40.23 21.96
N CYS F 28 -18.59 41.31 22.57
CA CYS F 28 -19.74 42.08 22.08
C CYS F 28 -19.64 42.94 20.82
N ALA F 29 -18.47 43.47 20.51
CA ALA F 29 -18.33 44.36 19.35
C ALA F 29 -19.34 45.50 19.59
N HIS F 30 -20.35 45.63 18.72
CA HIS F 30 -21.35 46.69 18.85
C HIS F 30 -22.50 46.33 19.80
N GLY F 31 -22.43 45.14 20.39
CA GLY F 31 -23.44 44.71 21.35
C GLY F 31 -24.83 44.34 20.82
N PRO F 32 -24.93 43.41 19.85
CA PRO F 32 -26.25 43.03 19.32
C PRO F 32 -27.16 42.37 20.36
N PHE F 33 -26.58 41.54 21.21
CA PHE F 33 -27.36 40.87 22.24
C PHE F 33 -27.86 41.83 23.32
N LEU F 34 -27.03 42.77 23.72
CA LEU F 34 -27.44 43.75 24.72
C LEU F 34 -28.62 44.55 24.17
N ARG F 35 -28.50 44.97 22.90
CA ARG F 35 -29.54 45.74 22.25
C ARG F 35 -30.85 44.98 22.14
N ALA F 36 -30.76 43.70 21.78
CA ALA F 36 -31.95 42.86 21.61
C ALA F 36 -32.61 42.54 22.96
N PHE F 37 -31.78 42.35 23.98
CA PHE F 37 -32.31 42.05 25.31
C PHE F 37 -33.04 43.27 25.87
N ARG F 38 -32.43 44.43 25.70
CA ARG F 38 -33.03 45.67 26.19
C ARG F 38 -34.36 45.93 25.49
N GLU F 39 -34.36 45.84 24.16
CA GLU F 39 -35.55 46.06 23.36
C GLU F 39 -36.68 45.11 23.72
N ALA F 40 -36.34 43.89 24.09
CA ALA F 40 -37.34 42.89 24.44
C ALA F 40 -37.77 42.87 25.90
N HIS F 41 -36.84 43.13 26.82
CA HIS F 41 -37.15 43.09 28.25
C HIS F 41 -37.15 44.40 29.03
N GLY F 42 -36.80 45.51 28.39
CA GLY F 42 -36.81 46.78 29.10
C GLY F 42 -35.47 47.36 29.50
N THR F 43 -35.52 48.52 30.14
CA THR F 43 -34.32 49.23 30.57
C THR F 43 -33.87 49.01 32.02
N GLY F 44 -34.67 48.29 32.79
CA GLY F 44 -34.35 48.04 34.18
C GLY F 44 -33.26 47.00 34.41
N TYR F 45 -32.09 47.24 33.83
CA TYR F 45 -30.96 46.33 33.96
C TYR F 45 -29.68 47.12 33.79
N ARG F 46 -28.56 46.55 34.24
CA ARG F 46 -27.27 47.18 34.05
C ARG F 46 -26.64 46.39 32.91
N PHE F 47 -26.34 47.08 31.82
CA PHE F 47 -25.77 46.45 30.63
C PHE F 47 -24.27 46.68 30.48
N VAL F 48 -23.54 45.59 30.35
CA VAL F 48 -22.08 45.64 30.21
C VAL F 48 -21.60 44.81 29.01
N GLY F 49 -20.60 45.34 28.31
CA GLY F 49 -20.04 44.64 27.15
C GLY F 49 -18.52 44.62 27.23
N VAL F 50 -17.92 43.49 26.86
CA VAL F 50 -16.47 43.33 26.89
C VAL F 50 -15.96 42.96 25.49
N GLU F 51 -15.09 43.80 24.94
CA GLU F 51 -14.53 43.60 23.61
C GLU F 51 -13.03 43.84 23.66
N ILE F 52 -12.26 43.05 22.91
CA ILE F 52 -10.81 43.18 22.94
C ILE F 52 -10.24 44.11 21.87
N ASP F 53 -10.95 44.24 20.76
CA ASP F 53 -10.51 45.07 19.65
C ASP F 53 -11.12 46.48 19.72
N PRO F 54 -10.28 47.52 19.86
CA PRO F 54 -10.74 48.91 19.94
C PRO F 54 -11.61 49.30 18.75
N LYS F 55 -11.32 48.74 17.60
CA LYS F 55 -12.07 49.04 16.38
C LYS F 55 -13.45 48.40 16.39
N ALA F 56 -13.64 47.38 17.22
CA ALA F 56 -14.92 46.68 17.27
C ALA F 56 -15.88 47.16 18.35
N LEU F 57 -15.33 47.63 19.47
CA LEU F 57 -16.16 48.13 20.57
C LEU F 57 -16.94 49.38 20.18
N ASP F 58 -18.27 49.30 20.24
CA ASP F 58 -19.10 50.44 19.89
C ASP F 58 -20.50 50.21 20.43
N LEU F 59 -20.64 50.42 21.74
CA LEU F 59 -21.91 50.20 22.41
C LEU F 59 -22.71 51.48 22.60
N PRO F 60 -24.04 51.34 22.76
CA PRO F 60 -24.91 52.50 22.97
C PRO F 60 -24.49 53.12 24.30
N PRO F 61 -24.71 54.44 24.48
CA PRO F 61 -24.32 55.11 25.72
C PRO F 61 -24.96 54.60 27.02
N TRP F 62 -26.01 53.79 26.92
CA TRP F 62 -26.65 53.27 28.13
C TRP F 62 -26.01 51.99 28.65
N ALA F 63 -24.94 51.56 28.00
CA ALA F 63 -24.23 50.35 28.41
C ALA F 63 -22.79 50.66 28.76
N GLU F 64 -22.19 49.84 29.61
CA GLU F 64 -20.80 50.03 30.00
C GLU F 64 -19.90 49.19 29.10
N GLY F 65 -19.05 49.86 28.32
CA GLY F 65 -18.15 49.15 27.43
C GLY F 65 -16.75 49.01 27.97
N ILE F 66 -16.27 47.77 28.04
CA ILE F 66 -14.93 47.51 28.55
C ILE F 66 -14.01 46.93 27.48
N LEU F 67 -12.82 47.52 27.35
CA LEU F 67 -11.81 47.08 26.38
C LEU F 67 -10.88 46.12 27.11
N ALA F 68 -10.97 44.83 26.79
CA ALA F 68 -10.12 43.86 27.45
C ALA F 68 -10.33 42.46 26.91
N ASP F 69 -9.41 41.57 27.27
CA ASP F 69 -9.50 40.17 26.87
C ASP F 69 -10.49 39.59 27.89
N PHE F 70 -11.66 39.18 27.41
CA PHE F 70 -12.67 38.63 28.29
C PHE F 70 -12.15 37.45 29.13
N LEU F 71 -11.35 36.60 28.51
CA LEU F 71 -10.81 35.41 29.18
C LEU F 71 -9.91 35.73 30.38
N LEU F 72 -9.37 36.94 30.43
CA LEU F 72 -8.48 37.32 31.52
C LEU F 72 -9.03 38.49 32.34
N TRP F 73 -10.30 38.80 32.11
CA TRP F 73 -10.98 39.90 32.79
C TRP F 73 -11.54 39.51 34.17
N GLU F 74 -11.33 40.38 35.15
CA GLU F 74 -11.84 40.15 36.52
C GLU F 74 -12.63 41.37 36.98
N PRO F 75 -13.95 41.39 36.72
CA PRO F 75 -14.90 42.45 37.06
C PRO F 75 -15.20 42.76 38.53
N GLY F 76 -14.95 41.81 39.42
CA GLY F 76 -15.24 42.06 40.82
C GLY F 76 -16.56 41.41 41.20
N GLU F 77 -17.68 42.05 40.85
CA GLU F 77 -18.99 41.48 41.15
C GLU F 77 -19.50 40.62 39.99
N ALA F 78 -20.02 39.44 40.31
CA ALA F 78 -20.53 38.53 39.30
C ALA F 78 -21.75 39.09 38.57
N PHE F 79 -22.26 38.33 37.61
CA PHE F 79 -23.41 38.76 36.82
C PHE F 79 -24.62 37.86 36.95
N ASP F 80 -25.78 38.41 36.61
CA ASP F 80 -27.04 37.67 36.63
C ASP F 80 -27.28 36.98 35.30
N LEU F 81 -26.88 37.65 34.23
CA LEU F 81 -27.06 37.12 32.89
C LEU F 81 -25.87 37.42 31.99
N ILE F 82 -25.43 36.41 31.25
CA ILE F 82 -24.33 36.55 30.32
C ILE F 82 -24.82 35.88 29.05
N LEU F 83 -24.91 36.64 27.96
CA LEU F 83 -25.40 36.06 26.72
C LEU F 83 -24.57 36.57 25.56
N GLY F 84 -24.51 35.76 24.52
CA GLY F 84 -23.74 36.17 23.36
C GLY F 84 -23.29 35.02 22.52
N ASN F 85 -22.40 35.34 21.59
CA ASN F 85 -21.83 34.37 20.67
C ASN F 85 -20.33 34.57 20.75
N PRO F 86 -19.63 33.67 21.45
CA PRO F 86 -18.17 33.78 21.60
C PRO F 86 -17.44 33.38 20.32
N PRO F 87 -16.18 33.79 20.19
CA PRO F 87 -15.39 33.42 19.01
C PRO F 87 -15.07 31.92 19.05
N TYR F 88 -15.10 31.25 17.90
CA TYR F 88 -14.78 29.82 17.88
C TYR F 88 -13.40 29.68 17.24
N GLY F 89 -12.68 28.64 17.61
CA GLY F 89 -11.37 28.44 17.01
C GLY F 89 -10.32 27.84 17.93
N ILE F 90 -9.43 27.06 17.31
CA ILE F 90 -8.34 26.42 18.02
C ILE F 90 -7.13 27.35 18.03
N VAL F 91 -6.55 27.57 19.21
CA VAL F 91 -5.37 28.41 19.33
C VAL F 91 -4.17 27.59 18.89
N GLY F 92 -3.45 28.08 17.88
CA GLY F 92 -2.28 27.37 17.38
C GLY F 92 -1.60 28.06 16.21
N GLU F 93 -0.58 27.41 15.66
CA GLU F 93 0.17 27.96 14.53
C GLU F 93 -0.73 28.27 13.35
N ALA F 94 -0.57 29.47 12.81
CA ALA F 94 -1.36 29.98 11.69
C ALA F 94 -1.44 29.08 10.45
N SER F 95 -0.39 28.30 10.19
CA SER F 95 -0.39 27.43 9.03
C SER F 95 -1.47 26.36 9.13
N LYS F 96 -1.91 26.08 10.36
CA LYS F 96 -2.91 25.06 10.57
C LYS F 96 -4.15 25.48 11.37
N TYR F 97 -3.99 26.45 12.28
CA TYR F 97 -5.11 26.90 13.11
C TYR F 97 -5.39 28.40 12.98
N PRO F 98 -6.65 28.82 13.26
CA PRO F 98 -7.16 30.20 13.20
C PRO F 98 -6.76 31.23 14.27
N ILE F 99 -6.71 30.82 15.53
CA ILE F 99 -6.39 31.76 16.60
C ILE F 99 -4.89 31.87 16.84
N HIS F 100 -4.36 33.08 16.68
CA HIS F 100 -2.93 33.32 16.82
C HIS F 100 -2.59 34.31 17.94
N VAL F 101 -1.87 33.83 18.95
CA VAL F 101 -1.44 34.67 20.07
C VAL F 101 -0.08 34.16 20.56
N PHE F 102 0.60 34.96 21.37
CA PHE F 102 1.89 34.54 21.91
C PHE F 102 1.66 33.30 22.76
N LYS F 103 2.67 32.43 22.80
CA LYS F 103 2.55 31.22 23.60
C LYS F 103 2.25 31.57 25.05
N ALA F 104 2.82 32.69 25.49
CA ALA F 104 2.62 33.14 26.87
C ALA F 104 1.16 33.42 27.15
N VAL F 105 0.43 33.88 26.14
CA VAL F 105 -1.00 34.15 26.34
C VAL F 105 -1.73 32.82 26.48
N LYS F 106 -1.43 31.88 25.58
CA LYS F 106 -2.07 30.57 25.65
C LYS F 106 -1.77 29.96 27.01
N ASP F 107 -0.56 30.20 27.51
CA ASP F 107 -0.17 29.68 28.82
C ASP F 107 -1.09 30.28 29.89
N LEU F 108 -1.41 31.56 29.75
CA LEU F 108 -2.29 32.21 30.71
C LEU F 108 -3.67 31.59 30.64
N TYR F 109 -4.13 31.24 29.45
CA TYR F 109 -5.45 30.64 29.30
C TYR F 109 -5.50 29.28 30.01
N LYS F 110 -4.49 28.46 29.76
CA LYS F 110 -4.41 27.14 30.37
C LYS F 110 -4.43 27.26 31.89
N LYS F 111 -3.72 28.26 32.41
CA LYS F 111 -3.66 28.46 33.85
C LYS F 111 -5.00 28.89 34.44
N ALA F 112 -5.76 29.69 33.68
CA ALA F 112 -7.05 30.19 34.13
C ALA F 112 -8.23 29.23 33.95
N PHE F 113 -8.12 28.27 33.04
CA PHE F 113 -9.23 27.38 32.79
C PHE F 113 -8.99 25.91 33.11
N SER F 114 -9.77 25.40 34.07
CA SER F 114 -9.64 24.01 34.49
C SER F 114 -10.20 23.02 33.47
N THR F 115 -10.98 23.52 32.52
CA THR F 115 -11.55 22.63 31.51
C THR F 115 -10.70 22.52 30.25
N TRP F 116 -9.65 23.32 30.16
CA TRP F 116 -8.78 23.28 28.98
C TRP F 116 -8.19 21.87 28.84
N LYS F 117 -8.43 21.24 27.68
CA LYS F 117 -7.93 19.90 27.41
C LYS F 117 -7.59 19.76 25.94
N GLY F 118 -6.56 18.98 25.64
CA GLY F 118 -6.13 18.80 24.27
C GLY F 118 -5.82 20.15 23.64
N LYS F 119 -6.15 20.29 22.36
CA LYS F 119 -5.93 21.55 21.65
C LYS F 119 -6.97 22.54 22.15
N TYR F 120 -8.12 22.02 22.53
CA TYR F 120 -9.25 22.80 23.04
C TYR F 120 -9.78 23.83 22.06
N ASN F 121 -10.49 24.84 22.57
CA ASN F 121 -11.10 25.85 21.71
C ASN F 121 -11.44 27.13 22.48
N LEU F 122 -11.39 28.28 21.80
CA LEU F 122 -11.73 29.54 22.45
C LEU F 122 -13.16 29.47 22.99
N TYR F 123 -14.05 28.80 22.27
CA TYR F 123 -15.43 28.75 22.72
C TYR F 123 -15.61 27.99 24.02
N GLY F 124 -14.77 26.99 24.25
CA GLY F 124 -14.86 26.24 25.49
C GLY F 124 -14.39 27.13 26.62
N ALA F 125 -13.31 27.87 26.37
CA ALA F 125 -12.76 28.78 27.37
C ALA F 125 -13.75 29.87 27.73
N PHE F 126 -14.45 30.40 26.72
CA PHE F 126 -15.43 31.45 26.95
C PHE F 126 -16.57 30.89 27.81
N LEU F 127 -16.92 29.63 27.58
CA LEU F 127 -17.99 29.00 28.34
C LEU F 127 -17.59 28.90 29.81
N GLU F 128 -16.37 28.42 30.07
CA GLU F 128 -15.92 28.28 31.45
C GLU F 128 -15.82 29.63 32.13
N LYS F 129 -15.27 30.61 31.43
CA LYS F 129 -15.13 31.96 31.97
C LYS F 129 -16.49 32.52 32.37
N ALA F 130 -17.46 32.34 31.47
CA ALA F 130 -18.81 32.83 31.72
C ALA F 130 -19.39 32.22 33.00
N VAL F 131 -19.28 30.90 33.14
CA VAL F 131 -19.79 30.21 34.31
C VAL F 131 -19.20 30.78 35.62
N ARG F 132 -17.88 30.96 35.64
CA ARG F 132 -17.21 31.49 36.82
C ARG F 132 -17.61 32.94 37.13
N LEU F 133 -18.09 33.65 36.11
CA LEU F 133 -18.51 35.04 36.29
C LEU F 133 -19.98 35.17 36.64
N LEU F 134 -20.68 34.05 36.75
CA LEU F 134 -22.10 34.09 37.10
C LEU F 134 -22.35 34.05 38.61
N LYS F 135 -23.31 34.84 39.06
CA LYS F 135 -23.70 34.85 40.47
C LYS F 135 -24.47 33.55 40.66
N PRO F 136 -24.61 33.09 41.91
CA PRO F 136 -25.36 31.85 42.13
C PRO F 136 -26.77 32.05 41.59
N GLY F 137 -27.27 31.10 40.81
CA GLY F 137 -28.60 31.23 40.26
C GLY F 137 -28.59 32.05 38.96
N GLY F 138 -27.42 32.54 38.59
CA GLY F 138 -27.31 33.33 37.37
C GLY F 138 -27.49 32.48 36.13
N VAL F 139 -27.76 33.12 35.00
CA VAL F 139 -27.99 32.40 33.75
C VAL F 139 -27.08 32.79 32.60
N LEU F 140 -26.70 31.79 31.81
CA LEU F 140 -25.85 31.96 30.65
C LEU F 140 -26.54 31.40 29.41
N VAL F 141 -26.52 32.17 28.32
CA VAL F 141 -27.13 31.75 27.06
C VAL F 141 -26.16 32.05 25.91
N PHE F 142 -25.52 31.00 25.40
CA PHE F 142 -24.55 31.11 24.31
C PHE F 142 -24.96 30.25 23.12
N VAL F 143 -24.39 30.55 21.95
CA VAL F 143 -24.59 29.75 20.74
C VAL F 143 -23.16 29.36 20.37
N VAL F 144 -22.88 28.06 20.36
CA VAL F 144 -21.55 27.54 20.08
C VAL F 144 -21.63 26.28 19.23
N PRO F 145 -20.47 25.77 18.75
CA PRO F 145 -20.54 24.55 17.94
C PRO F 145 -21.13 23.42 18.77
N ALA F 146 -21.59 22.37 18.09
CA ALA F 146 -22.19 21.21 18.76
C ALA F 146 -21.13 20.21 19.18
N THR F 147 -19.91 20.43 18.72
CA THR F 147 -18.82 19.49 19.00
C THR F 147 -18.56 19.10 20.46
N TRP F 148 -18.79 20.02 21.40
CA TRP F 148 -18.55 19.69 22.81
C TRP F 148 -19.51 18.63 23.36
N LEU F 149 -20.59 18.35 22.65
CA LEU F 149 -21.52 17.33 23.11
C LEU F 149 -20.90 15.93 23.11
N VAL F 150 -20.03 15.68 22.14
CA VAL F 150 -19.41 14.36 22.01
C VAL F 150 -17.89 14.22 22.06
N LEU F 151 -17.16 15.28 21.74
CA LEU F 151 -15.70 15.20 21.70
C LEU F 151 -14.93 15.16 23.02
N GLU F 152 -13.83 14.39 23.03
CA GLU F 152 -12.99 14.23 24.21
C GLU F 152 -12.34 15.53 24.70
N ASP F 153 -12.05 16.44 23.78
CA ASP F 153 -11.44 17.71 24.16
C ASP F 153 -12.33 18.47 25.13
N PHE F 154 -13.62 18.16 25.13
CA PHE F 154 -14.57 18.86 25.99
C PHE F 154 -15.13 18.02 27.15
N ALA F 155 -14.50 16.89 27.43
CA ALA F 155 -14.95 16.03 28.52
C ALA F 155 -14.92 16.76 29.86
N LEU F 156 -13.87 17.54 30.11
CA LEU F 156 -13.77 18.28 31.37
C LEU F 156 -14.79 19.42 31.43
N LEU F 157 -15.07 20.04 30.28
CA LEU F 157 -16.05 21.12 30.22
C LEU F 157 -17.44 20.58 30.54
N ARG F 158 -17.79 19.43 29.97
CA ARG F 158 -19.10 18.83 30.23
C ARG F 158 -19.23 18.48 31.71
N GLU F 159 -18.19 17.87 32.25
CA GLU F 159 -18.17 17.49 33.66
C GLU F 159 -18.29 18.72 34.57
N PHE F 160 -17.65 19.80 34.15
CA PHE F 160 -17.67 21.08 34.87
C PHE F 160 -19.10 21.64 34.90
N LEU F 161 -19.72 21.72 33.73
CA LEU F 161 -21.07 22.25 33.62
C LEU F 161 -22.04 21.40 34.46
N ALA F 162 -21.82 20.08 34.43
CA ALA F 162 -22.67 19.13 35.15
C ALA F 162 -22.65 19.33 36.67
N ARG F 163 -21.51 19.73 37.23
CA ARG F 163 -21.44 19.92 38.68
C ARG F 163 -21.62 21.38 39.11
N GLU F 164 -21.63 22.30 38.15
CA GLU F 164 -21.79 23.72 38.48
C GLU F 164 -23.24 24.17 38.47
N GLY F 165 -24.09 23.46 37.73
CA GLY F 165 -25.49 23.84 37.68
C GLY F 165 -26.34 22.96 36.79
N LYS F 166 -27.41 23.53 36.25
CA LYS F 166 -28.32 22.81 35.36
C LYS F 166 -28.09 23.28 33.93
N THR F 167 -28.12 22.34 32.99
CA THR F 167 -27.87 22.65 31.59
C THR F 167 -28.97 22.22 30.62
N SER F 168 -29.29 23.12 29.68
CA SER F 168 -30.28 22.86 28.65
C SER F 168 -29.60 23.10 27.31
N VAL F 169 -29.68 22.13 26.40
CA VAL F 169 -29.05 22.27 25.09
C VAL F 169 -30.10 22.23 23.99
N TYR F 170 -30.06 23.22 23.11
CA TYR F 170 -31.00 23.31 21.99
C TYR F 170 -30.25 23.14 20.68
N TYR F 171 -30.58 22.08 19.96
CA TYR F 171 -29.93 21.82 18.68
C TYR F 171 -30.46 22.75 17.61
N LEU F 172 -29.56 23.46 16.92
CA LEU F 172 -29.95 24.36 15.83
C LEU F 172 -29.47 23.82 14.48
N GLY F 173 -28.21 23.40 14.43
CA GLY F 173 -27.66 22.88 13.19
C GLY F 173 -26.85 23.94 12.48
N GLU F 174 -26.72 23.82 11.17
CA GLU F 174 -25.95 24.79 10.40
C GLU F 174 -26.81 26.02 10.09
N VAL F 175 -26.85 26.95 11.04
CA VAL F 175 -27.64 28.17 10.89
C VAL F 175 -26.82 29.42 10.51
N PHE F 176 -25.51 29.26 10.34
CA PHE F 176 -24.64 30.37 9.96
C PHE F 176 -24.29 30.30 8.48
N PRO F 177 -24.78 31.25 7.68
CA PRO F 177 -24.52 31.29 6.24
C PRO F 177 -23.03 31.31 5.92
N GLN F 178 -22.62 30.45 4.97
CA GLN F 178 -21.23 30.40 4.55
C GLN F 178 -20.24 29.95 5.63
N LYS F 179 -20.72 29.37 6.72
CA LYS F 179 -19.83 28.90 7.77
C LYS F 179 -20.14 27.46 8.10
N LYS F 180 -19.15 26.59 7.93
CA LYS F 180 -19.31 25.17 8.22
C LYS F 180 -19.23 24.90 9.71
N VAL F 181 -20.38 24.88 10.35
CA VAL F 181 -20.45 24.62 11.77
C VAL F 181 -21.89 24.29 12.16
N SER F 182 -22.06 23.21 12.90
CA SER F 182 -23.37 22.77 13.39
C SER F 182 -23.40 23.39 14.78
N ALA F 183 -24.43 24.18 15.05
CA ALA F 183 -24.50 24.89 16.33
C ALA F 183 -25.63 24.51 17.27
N VAL F 184 -25.41 24.78 18.55
CA VAL F 184 -26.41 24.55 19.57
C VAL F 184 -26.44 25.77 20.47
N VAL F 185 -27.54 25.95 21.18
CA VAL F 185 -27.65 27.05 22.12
C VAL F 185 -27.55 26.40 23.48
N ILE F 186 -26.74 26.97 24.36
CA ILE F 186 -26.63 26.41 25.69
C ILE F 186 -27.22 27.39 26.69
N ARG F 187 -28.21 26.93 27.45
CA ARG F 187 -28.82 27.75 28.48
C ARG F 187 -28.42 27.08 29.78
N PHE F 188 -27.53 27.73 30.51
CA PHE F 188 -27.04 27.19 31.76
C PHE F 188 -27.40 28.08 32.93
N GLN F 189 -27.77 27.45 34.04
CA GLN F 189 -28.10 28.20 35.25
C GLN F 189 -27.23 27.66 36.37
N LYS F 190 -26.59 28.58 37.09
CA LYS F 190 -25.69 28.20 38.18
C LYS F 190 -26.43 27.78 39.44
N SER F 191 -27.20 26.70 39.33
CA SER F 191 -27.96 26.16 40.45
C SER F 191 -28.61 24.86 40.00
N GLY F 192 -28.95 23.99 40.95
CA GLY F 192 -29.58 22.73 40.59
C GLY F 192 -28.62 21.86 39.79
N LYS F 193 -29.18 20.94 38.99
CA LYS F 193 -28.35 20.06 38.20
C LYS F 193 -29.18 19.36 37.12
N GLY F 194 -28.52 18.52 36.33
CA GLY F 194 -29.22 17.80 35.29
C GLY F 194 -29.00 18.38 33.91
N LEU F 195 -29.43 17.63 32.90
CA LEU F 195 -29.29 18.04 31.51
C LEU F 195 -30.61 17.88 30.76
N SER F 196 -31.00 18.90 30.01
CA SER F 196 -32.21 18.84 29.19
C SER F 196 -31.77 18.98 27.74
N LEU F 197 -32.24 18.08 26.87
CA LEU F 197 -31.88 18.16 25.45
C LEU F 197 -33.12 18.50 24.66
N TRP F 198 -33.00 19.52 23.81
CA TRP F 198 -34.13 19.98 23.01
C TRP F 198 -33.78 20.05 21.53
N ASP F 199 -34.75 19.77 20.69
CA ASP F 199 -34.54 19.90 19.26
C ASP F 199 -35.16 21.27 19.04
N THR F 200 -35.13 21.76 17.81
CA THR F 200 -35.74 23.04 17.48
C THR F 200 -36.27 22.95 16.07
N GLN F 201 -37.16 23.88 15.73
CA GLN F 201 -37.72 23.97 14.38
C GLN F 201 -37.89 25.46 14.16
N GLU F 202 -37.86 25.88 12.90
CA GLU F 202 -38.00 27.28 12.56
C GLU F 202 -39.41 27.79 12.88
N SER F 203 -39.48 29.05 13.29
CA SER F 203 -40.76 29.69 13.61
C SER F 203 -40.78 31.01 12.83
N GLU F 204 -41.87 31.76 12.95
CA GLU F 204 -41.97 33.02 12.23
C GLU F 204 -40.86 34.00 12.59
N SER F 205 -40.53 34.09 13.88
CA SER F 205 -39.49 35.01 14.36
C SER F 205 -38.10 34.39 14.52
N GLY F 206 -38.04 33.14 14.97
CA GLY F 206 -36.76 32.49 15.17
C GLY F 206 -36.82 30.99 15.22
N PHE F 207 -36.84 30.43 16.43
CA PHE F 207 -36.88 28.98 16.59
C PHE F 207 -37.80 28.57 17.73
N THR F 208 -38.38 27.39 17.60
CA THR F 208 -39.27 26.83 18.61
C THR F 208 -38.64 25.59 19.20
N PRO F 209 -38.49 25.55 20.52
CA PRO F 209 -37.90 24.41 21.23
C PRO F 209 -38.85 23.24 21.36
N ILE F 210 -38.32 22.04 21.18
CA ILE F 210 -39.10 20.81 21.30
C ILE F 210 -38.30 19.92 22.24
N LEU F 211 -38.87 19.63 23.42
CA LEU F 211 -38.16 18.78 24.38
C LEU F 211 -37.93 17.39 23.82
N TRP F 212 -36.69 16.93 23.87
CA TRP F 212 -36.36 15.61 23.35
C TRP F 212 -36.09 14.61 24.47
N ALA F 213 -35.19 14.96 25.38
CA ALA F 213 -34.84 14.06 26.47
C ALA F 213 -34.33 14.82 27.68
N GLU F 214 -34.39 14.17 28.84
CA GLU F 214 -33.93 14.76 30.09
C GLU F 214 -33.10 13.77 30.88
N TYR F 215 -31.96 14.24 31.38
CA TYR F 215 -31.06 13.41 32.17
C TYR F 215 -30.81 14.12 33.49
N PRO F 216 -31.68 13.90 34.49
CA PRO F 216 -31.52 14.54 35.79
C PRO F 216 -30.22 14.22 36.51
N HIS F 217 -29.62 13.07 36.19
CA HIS F 217 -28.37 12.68 36.84
C HIS F 217 -27.13 12.88 35.98
N TRP F 218 -27.22 13.74 34.97
CA TRP F 218 -26.10 13.99 34.08
C TRP F 218 -24.83 14.39 34.82
N GLU F 219 -23.74 13.70 34.53
CA GLU F 219 -22.46 13.97 35.16
C GLU F 219 -21.39 14.38 34.14
N GLY F 220 -21.81 14.70 32.92
CA GLY F 220 -20.86 15.13 31.91
C GLY F 220 -20.56 14.12 30.82
N GLU F 221 -21.33 13.04 30.75
CA GLU F 221 -21.10 12.05 29.71
C GLU F 221 -21.56 12.58 28.35
N ILE F 222 -21.12 11.93 27.28
CA ILE F 222 -21.48 12.35 25.95
C ILE F 222 -22.99 12.58 25.79
N ILE F 223 -23.35 13.66 25.10
CA ILE F 223 -24.76 14.00 24.87
C ILE F 223 -25.14 13.51 23.48
N ARG F 224 -26.21 12.71 23.41
CA ARG F 224 -26.67 12.16 22.14
C ARG F 224 -28.18 12.25 22.08
N PHE F 225 -28.72 12.09 20.87
CA PHE F 225 -30.16 12.10 20.65
C PHE F 225 -30.57 10.64 20.57
N GLU F 226 -31.00 10.07 21.68
CA GLU F 226 -31.40 8.68 21.70
C GLU F 226 -32.89 8.50 21.47
N THR F 227 -33.23 7.31 20.98
CA THR F 227 -34.61 6.93 20.73
C THR F 227 -34.76 5.52 21.27
N GLU F 228 -35.99 5.02 21.27
CA GLU F 228 -36.25 3.67 21.76
C GLU F 228 -35.49 2.68 20.88
N GLU F 229 -35.24 3.08 19.63
CA GLU F 229 -34.54 2.24 18.67
C GLU F 229 -33.03 2.20 18.90
N THR F 230 -32.42 3.36 19.15
CA THR F 230 -30.98 3.39 19.39
C THR F 230 -30.66 2.60 20.66
N ARG F 231 -31.54 2.69 21.65
CA ARG F 231 -31.36 1.99 22.91
C ARG F 231 -31.56 0.49 22.72
N LYS F 232 -32.63 0.13 22.01
CA LYS F 232 -32.95 -1.26 21.74
C LYS F 232 -31.81 -1.94 20.96
N LEU F 233 -31.21 -1.22 20.02
CA LEU F 233 -30.13 -1.79 19.24
C LEU F 233 -28.88 -1.99 20.09
N GLU F 234 -28.59 -1.03 20.96
CA GLU F 234 -27.39 -1.10 21.79
C GLU F 234 -27.34 -2.25 22.79
N ILE F 235 -28.47 -2.59 23.43
CA ILE F 235 -28.42 -3.70 24.37
C ILE F 235 -28.51 -5.03 23.62
N SER F 236 -28.91 -4.95 22.35
CA SER F 236 -29.06 -6.13 21.52
C SER F 236 -27.73 -6.82 21.21
N GLY F 237 -26.64 -6.07 21.29
CA GLY F 237 -25.35 -6.66 21.00
C GLY F 237 -24.21 -6.17 21.87
N MET F 238 -23.03 -6.72 21.65
CA MET F 238 -21.86 -6.35 22.42
C MET F 238 -21.18 -5.15 21.77
N PRO F 239 -20.67 -4.21 22.58
CA PRO F 239 -19.99 -3.04 22.03
C PRO F 239 -18.84 -3.52 21.14
N LEU F 240 -18.63 -2.83 20.03
CA LEU F 240 -17.56 -3.19 19.10
C LEU F 240 -16.21 -3.08 19.80
N GLY F 241 -16.11 -2.10 20.70
CA GLY F 241 -14.87 -1.91 21.42
C GLY F 241 -14.50 -3.08 22.32
N ASP F 242 -15.48 -3.93 22.63
CA ASP F 242 -15.22 -5.09 23.49
C ASP F 242 -14.65 -6.26 22.70
N LEU F 243 -14.75 -6.17 21.38
CA LEU F 243 -14.24 -7.23 20.51
C LEU F 243 -12.95 -6.84 19.81
N PHE F 244 -12.72 -5.53 19.67
CA PHE F 244 -11.53 -5.06 18.97
C PHE F 244 -10.68 -4.01 19.67
N HIS F 245 -9.39 -4.07 19.40
CA HIS F 245 -8.47 -3.07 19.91
C HIS F 245 -8.55 -2.06 18.78
N ILE F 246 -8.87 -0.82 19.10
CA ILE F 246 -8.97 0.19 18.05
C ILE F 246 -7.75 1.10 18.07
N ARG F 247 -7.04 1.14 16.95
CA ARG F 247 -5.86 1.96 16.81
C ARG F 247 -6.08 2.91 15.65
N PHE F 248 -5.26 3.94 15.54
CA PHE F 248 -5.41 4.88 14.44
C PHE F 248 -4.21 4.75 13.54
N ALA F 249 -4.33 5.25 12.31
CA ALA F 249 -3.22 5.16 11.37
C ALA F 249 -2.09 6.09 11.80
N ALA F 250 -0.88 5.80 11.34
CA ALA F 250 0.26 6.66 11.64
C ALA F 250 -0.08 7.96 10.90
N ARG F 251 0.38 9.09 11.42
CA ARG F 251 0.09 10.39 10.82
C ARG F 251 1.07 10.75 9.72
N SER F 252 0.68 11.67 8.84
CA SER F 252 1.50 12.06 7.70
C SER F 252 2.98 12.34 8.01
N PRO F 253 3.26 13.11 9.08
CA PRO F 253 4.67 13.39 9.39
C PRO F 253 5.50 12.13 9.60
N GLU F 254 4.89 11.11 10.20
CA GLU F 254 5.59 9.84 10.46
C GLU F 254 6.06 9.21 9.14
N PHE F 255 5.20 9.26 8.14
CA PHE F 255 5.54 8.72 6.83
C PHE F 255 6.60 9.58 6.17
N LYS F 256 6.34 10.88 6.11
CA LYS F 256 7.25 11.82 5.49
C LYS F 256 8.68 11.77 6.04
N LYS F 257 8.84 11.32 7.29
CA LYS F 257 10.19 11.24 7.86
C LYS F 257 10.79 9.85 7.75
N HIS F 258 10.01 8.88 7.28
CA HIS F 258 10.50 7.52 7.12
C HIS F 258 11.41 7.41 5.89
N PRO F 259 12.60 6.82 6.05
CA PRO F 259 13.57 6.66 4.96
C PRO F 259 13.09 5.93 3.69
N ALA F 260 12.04 5.15 3.79
CA ALA F 260 11.55 4.41 2.62
C ALA F 260 10.43 5.10 1.85
N VAL F 261 9.90 6.20 2.36
CA VAL F 261 8.83 6.88 1.67
C VAL F 261 9.36 7.84 0.59
N ARG F 262 8.65 7.91 -0.53
CA ARG F 262 9.05 8.77 -1.64
C ARG F 262 7.83 9.57 -2.12
N LYS F 263 8.08 10.62 -2.90
CA LYS F 263 6.99 11.45 -3.43
C LYS F 263 6.67 11.05 -4.86
N GLU F 264 7.24 9.94 -5.32
CA GLU F 264 7.00 9.48 -6.68
C GLU F 264 6.81 7.96 -6.70
N PRO F 265 5.98 7.45 -7.63
CA PRO F 265 5.77 6.00 -7.70
C PRO F 265 7.10 5.33 -8.10
N GLY F 266 7.15 4.01 -7.98
CA GLY F 266 8.36 3.30 -8.33
C GLY F 266 8.22 1.79 -8.29
N PRO F 267 9.29 1.04 -8.62
CA PRO F 267 9.33 -0.42 -8.65
C PRO F 267 8.51 -1.13 -7.59
N GLY F 268 9.04 -1.17 -6.38
CA GLY F 268 8.34 -1.82 -5.30
C GLY F 268 7.63 -0.85 -4.38
N LEU F 269 7.21 0.29 -4.94
CA LEU F 269 6.52 1.30 -4.16
C LEU F 269 5.01 1.16 -4.32
N VAL F 270 4.31 1.30 -3.21
CA VAL F 270 2.87 1.19 -3.17
C VAL F 270 2.39 2.51 -2.55
N PRO F 271 1.22 3.01 -2.98
CA PRO F 271 0.71 4.27 -2.44
C PRO F 271 0.24 4.22 -0.99
N VAL F 272 0.56 5.27 -0.22
CA VAL F 272 0.12 5.36 1.17
C VAL F 272 -1.36 5.75 1.08
N LEU F 273 -2.24 4.92 1.62
CA LEU F 273 -3.68 5.16 1.53
C LEU F 273 -4.26 6.18 2.50
N THR F 274 -5.38 6.77 2.11
CA THR F 274 -6.07 7.75 2.95
C THR F 274 -7.54 7.38 3.00
N GLY F 275 -8.35 8.23 3.62
CA GLY F 275 -9.78 7.96 3.70
C GLY F 275 -10.39 7.84 2.31
N ARG F 276 -9.74 8.46 1.33
CA ARG F 276 -10.22 8.44 -0.04
C ARG F 276 -10.10 7.06 -0.70
N ASN F 277 -9.26 6.20 -0.14
CA ASN F 277 -9.11 4.86 -0.70
C ASN F 277 -10.08 3.90 -0.02
N LEU F 278 -10.71 4.34 1.06
CA LEU F 278 -11.66 3.48 1.77
C LEU F 278 -13.09 3.61 1.24
N LYS F 279 -13.69 2.48 0.88
CA LYS F 279 -15.05 2.44 0.36
C LYS F 279 -15.86 1.43 1.17
N PRO F 280 -17.20 1.46 1.04
CA PRO F 280 -18.02 0.51 1.79
C PRO F 280 -17.78 -0.91 1.29
N GLY F 281 -17.04 -1.70 2.05
CA GLY F 281 -16.80 -3.07 1.65
C GLY F 281 -15.58 -3.31 0.80
N TRP F 282 -14.96 -2.27 0.27
CA TRP F 282 -13.77 -2.48 -0.53
C TRP F 282 -12.76 -1.36 -0.42
N VAL F 283 -11.52 -1.67 -0.82
CA VAL F 283 -10.44 -0.71 -0.78
C VAL F 283 -9.89 -0.49 -2.18
N ASP F 284 -9.67 0.78 -2.53
CA ASP F 284 -9.10 1.13 -3.82
C ASP F 284 -7.58 1.26 -3.62
N TYR F 285 -6.84 0.29 -4.14
CA TYR F 285 -5.38 0.26 -3.99
C TYR F 285 -4.60 0.94 -5.09
N GLU F 286 -5.28 1.33 -6.17
CA GLU F 286 -4.63 1.96 -7.31
C GLU F 286 -4.34 3.46 -7.22
N LYS F 287 -5.37 4.24 -6.93
CA LYS F 287 -5.28 5.69 -6.85
C LYS F 287 -4.55 6.21 -5.61
N ASN F 288 -3.55 7.06 -5.82
CA ASN F 288 -2.80 7.63 -4.71
C ASN F 288 -3.34 9.03 -4.42
N HIS F 289 -3.76 9.26 -3.19
CA HIS F 289 -4.30 10.56 -2.80
C HIS F 289 -3.41 11.27 -1.79
N SER F 290 -2.43 10.55 -1.26
CA SER F 290 -1.53 11.12 -0.24
C SER F 290 -0.27 11.77 -0.80
N GLY F 291 0.10 11.41 -2.03
CA GLY F 291 1.30 11.95 -2.62
C GLY F 291 2.52 11.23 -2.06
N LEU F 292 2.27 10.17 -1.29
CA LEU F 292 3.34 9.40 -0.67
C LEU F 292 3.33 7.94 -1.14
N TRP F 293 4.53 7.37 -1.30
CA TRP F 293 4.70 5.98 -1.74
C TRP F 293 5.75 5.30 -0.87
N MET F 294 5.67 3.98 -0.76
CA MET F 294 6.64 3.21 0.02
C MET F 294 6.48 1.73 -0.28
N PRO F 295 7.55 0.94 -0.10
CA PRO F 295 7.41 -0.49 -0.38
C PRO F 295 6.47 -1.10 0.66
N LYS F 296 5.51 -1.88 0.19
CA LYS F 296 4.53 -2.50 1.09
C LYS F 296 5.22 -3.27 2.21
N GLU F 297 6.33 -3.93 1.89
CA GLU F 297 7.09 -4.71 2.86
C GLU F 297 7.54 -3.93 4.09
N ARG F 298 7.77 -2.63 3.93
CA ARG F 298 8.24 -1.81 5.04
C ARG F 298 7.15 -1.03 5.78
N ALA F 299 5.90 -1.20 5.38
CA ALA F 299 4.81 -0.48 6.05
C ALA F 299 4.72 -0.85 7.53
N LYS F 300 4.98 -2.12 7.83
CA LYS F 300 4.91 -2.62 9.20
C LYS F 300 5.84 -1.87 10.15
N GLU F 301 6.78 -1.10 9.59
CA GLU F 301 7.71 -0.34 10.41
C GLU F 301 7.01 0.87 11.05
N LEU F 302 6.00 1.42 10.37
CA LEU F 302 5.27 2.56 10.93
C LEU F 302 4.28 2.05 11.99
N ARG F 303 3.59 0.95 11.67
CA ARG F 303 2.65 0.33 12.59
C ARG F 303 2.69 -1.16 12.31
N ASP F 304 2.98 -1.97 13.32
CA ASP F 304 3.08 -3.40 13.13
C ASP F 304 1.84 -4.04 12.52
N PHE F 305 0.66 -3.50 12.80
CA PHE F 305 -0.56 -4.10 12.26
C PHE F 305 -0.78 -3.88 10.77
N TYR F 306 0.09 -3.12 10.10
CA TYR F 306 -0.05 -2.93 8.66
C TYR F 306 0.45 -4.19 7.97
N ALA F 307 1.08 -5.08 8.73
CA ALA F 307 1.63 -6.30 8.18
C ALA F 307 0.59 -7.38 7.94
N THR F 308 -0.51 -7.34 8.68
CA THR F 308 -1.55 -8.34 8.49
C THR F 308 -2.91 -7.74 8.16
N PRO F 309 -3.69 -8.46 7.34
CA PRO F 309 -5.02 -8.00 6.93
C PRO F 309 -5.90 -7.74 8.16
N HIS F 310 -6.65 -6.64 8.12
CA HIS F 310 -7.51 -6.31 9.25
C HIS F 310 -8.65 -5.40 8.84
N LEU F 311 -9.61 -5.25 9.75
CA LEU F 311 -10.79 -4.42 9.55
C LEU F 311 -10.40 -2.93 9.62
N VAL F 312 -10.90 -2.14 8.69
CA VAL F 312 -10.64 -0.70 8.67
C VAL F 312 -11.96 0.05 8.64
N VAL F 313 -12.07 1.09 9.47
CA VAL F 313 -13.29 1.90 9.53
C VAL F 313 -12.95 3.37 9.33
N ALA F 314 -13.80 4.08 8.59
CA ALA F 314 -13.58 5.48 8.28
C ALA F 314 -13.71 6.41 9.47
N HIS F 315 -13.00 7.53 9.41
CA HIS F 315 -13.04 8.54 10.46
C HIS F 315 -13.59 9.86 9.92
N THR F 316 -13.34 10.15 8.65
CA THR F 316 -13.79 11.41 8.10
C THR F 316 -14.67 11.34 6.86
N LYS F 317 -15.86 10.77 7.02
CA LYS F 317 -16.83 10.67 5.94
C LYS F 317 -18.17 11.12 6.50
N GLY F 318 -18.10 12.03 7.48
CA GLY F 318 -19.32 12.51 8.12
C GLY F 318 -19.74 11.49 9.16
N THR F 319 -20.91 11.67 9.76
CA THR F 319 -21.35 10.73 10.76
C THR F 319 -22.03 9.52 10.13
N ARG F 320 -21.20 8.53 9.79
CA ARG F 320 -21.68 7.30 9.19
C ARG F 320 -20.67 6.21 9.51
N VAL F 321 -20.97 4.99 9.10
CA VAL F 321 -20.06 3.87 9.35
C VAL F 321 -19.68 3.23 8.01
N VAL F 322 -18.42 3.43 7.60
CA VAL F 322 -17.92 2.85 6.36
C VAL F 322 -16.75 1.96 6.74
N ALA F 323 -16.87 0.68 6.44
CA ALA F 323 -15.85 -0.30 6.79
C ALA F 323 -15.45 -1.19 5.63
N ALA F 324 -14.24 -1.75 5.71
CA ALA F 324 -13.73 -2.64 4.68
C ALA F 324 -12.58 -3.46 5.21
N TRP F 325 -12.45 -4.69 4.71
CA TRP F 325 -11.36 -5.56 5.13
C TRP F 325 -10.19 -5.35 4.20
N ASP F 326 -9.08 -4.86 4.74
CA ASP F 326 -7.89 -4.64 3.93
C ASP F 326 -7.20 -5.98 3.73
N GLU F 327 -7.55 -6.67 2.64
CA GLU F 327 -6.98 -7.99 2.34
C GLU F 327 -5.50 -7.94 2.00
N ARG F 328 -5.05 -6.82 1.42
CA ARG F 328 -3.66 -6.70 1.03
C ARG F 328 -2.69 -6.22 2.10
N ALA F 329 -3.21 -5.59 3.15
CA ALA F 329 -2.38 -5.06 4.23
C ALA F 329 -1.44 -3.99 3.69
N TYR F 330 -1.99 -2.80 3.46
CA TYR F 330 -1.25 -1.67 2.92
C TYR F 330 -0.90 -0.64 3.98
N PRO F 331 -0.04 0.32 3.63
CA PRO F 331 0.34 1.37 4.57
C PRO F 331 -0.80 2.39 4.54
N TRP F 332 -1.31 2.77 5.71
CA TRP F 332 -2.41 3.75 5.78
C TRP F 332 -1.98 5.00 6.53
N ARG F 333 -2.40 6.17 6.02
CA ARG F 333 -2.08 7.45 6.64
C ARG F 333 -3.28 7.93 7.44
N GLU F 334 -4.42 7.26 7.28
CA GLU F 334 -5.64 7.63 7.98
C GLU F 334 -6.50 6.43 8.40
N GLU F 335 -7.61 6.74 9.07
CA GLU F 335 -8.62 5.79 9.52
C GLU F 335 -8.33 4.94 10.77
N PHE F 336 -9.39 4.32 11.27
CA PHE F 336 -9.32 3.45 12.43
C PHE F 336 -8.89 2.08 11.95
N HIS F 337 -8.14 1.37 12.78
CA HIS F 337 -7.66 0.04 12.45
C HIS F 337 -7.97 -0.86 13.64
N LEU F 338 -8.88 -1.78 13.38
CA LEU F 338 -9.38 -2.70 14.40
C LEU F 338 -8.72 -4.07 14.40
N LEU F 339 -8.10 -4.39 15.52
CA LEU F 339 -7.41 -5.67 15.69
C LEU F 339 -8.16 -6.46 16.76
N PRO F 340 -8.68 -7.63 16.38
CA PRO F 340 -9.43 -8.48 17.32
C PRO F 340 -8.67 -8.82 18.59
N LYS F 341 -9.35 -8.71 19.73
CA LYS F 341 -8.75 -9.03 21.01
C LYS F 341 -8.57 -10.53 21.17
N GLU F 342 -7.57 -10.93 21.94
CA GLU F 342 -7.28 -12.35 22.14
C GLU F 342 -8.54 -13.15 22.45
N GLY F 343 -8.66 -14.32 21.81
CA GLY F 343 -9.79 -15.19 22.04
C GLY F 343 -11.10 -14.79 21.36
N VAL F 344 -11.04 -13.80 20.48
CA VAL F 344 -12.25 -13.36 19.78
C VAL F 344 -12.43 -14.03 18.41
N ARG F 345 -13.59 -14.66 18.22
CA ARG F 345 -13.90 -15.31 16.95
C ARG F 345 -14.57 -14.26 16.07
N LEU F 346 -14.41 -14.39 14.76
CA LEU F 346 -14.98 -13.41 13.85
C LEU F 346 -15.54 -13.98 12.55
N ASP F 347 -16.28 -13.14 11.85
CA ASP F 347 -16.85 -13.45 10.55
C ASP F 347 -16.74 -12.12 9.83
N PRO F 348 -15.51 -11.77 9.40
CA PRO F 348 -15.20 -10.52 8.69
C PRO F 348 -16.23 -10.05 7.67
N SER F 349 -16.56 -10.90 6.70
CA SER F 349 -17.51 -10.54 5.66
C SER F 349 -18.89 -10.11 6.19
N SER F 350 -19.42 -10.84 7.18
CA SER F 350 -20.73 -10.49 7.72
C SER F 350 -20.64 -9.23 8.58
N LEU F 351 -19.54 -9.10 9.32
CA LEU F 351 -19.33 -7.93 10.17
C LEU F 351 -19.25 -6.66 9.31
N VAL F 352 -18.50 -6.74 8.22
CA VAL F 352 -18.36 -5.59 7.32
C VAL F 352 -19.74 -5.24 6.77
N GLN F 353 -20.49 -6.25 6.37
CA GLN F 353 -21.83 -6.06 5.83
C GLN F 353 -22.73 -5.39 6.85
N TRP F 354 -22.61 -5.81 8.11
CA TRP F 354 -23.42 -5.24 9.18
C TRP F 354 -23.02 -3.79 9.45
N LEU F 355 -21.72 -3.52 9.48
CA LEU F 355 -21.23 -2.16 9.74
C LEU F 355 -21.64 -1.16 8.66
N ASN F 356 -21.71 -1.61 7.42
CA ASN F 356 -22.07 -0.75 6.29
C ASN F 356 -23.57 -0.71 6.03
N SER F 357 -24.35 -1.44 6.83
CA SER F 357 -25.79 -1.52 6.65
C SER F 357 -26.56 -0.22 6.90
N GLU F 358 -27.67 -0.07 6.20
CA GLU F 358 -28.52 1.11 6.34
C GLU F 358 -28.93 1.25 7.80
N ALA F 359 -29.21 0.12 8.44
CA ALA F 359 -29.60 0.11 9.84
C ALA F 359 -28.54 0.80 10.68
N MET F 360 -27.27 0.49 10.41
CA MET F 360 -26.17 1.09 11.16
C MET F 360 -26.03 2.57 10.83
N GLN F 361 -26.23 2.94 9.56
CA GLN F 361 -26.11 4.34 9.17
C GLN F 361 -27.21 5.21 9.83
N LYS F 362 -28.42 4.69 9.90
CA LYS F 362 -29.50 5.44 10.52
C LYS F 362 -29.23 5.55 12.03
N HIS F 363 -28.65 4.52 12.60
CA HIS F 363 -28.32 4.48 14.03
C HIS F 363 -27.38 5.62 14.45
N VAL F 364 -26.25 5.75 13.78
CA VAL F 364 -25.31 6.80 14.16
C VAL F 364 -25.78 8.21 13.83
N ARG F 365 -26.50 8.39 12.73
CA ARG F 365 -26.96 9.75 12.41
C ARG F 365 -28.10 10.19 13.33
N THR F 366 -28.75 9.23 13.98
CA THR F 366 -29.83 9.55 14.91
C THR F 366 -29.19 10.06 16.20
N LEU F 367 -28.24 9.27 16.70
CA LEU F 367 -27.53 9.59 17.93
C LEU F 367 -26.67 10.83 17.85
N TYR F 368 -25.96 11.00 16.74
CA TYR F 368 -25.03 12.13 16.63
C TYR F 368 -25.31 13.22 15.60
N ARG F 369 -26.37 13.05 14.80
CA ARG F 369 -26.72 14.04 13.78
C ARG F 369 -25.48 14.53 13.03
N ASP F 370 -25.25 15.84 13.01
CA ASP F 370 -24.07 16.38 12.33
C ASP F 370 -23.22 17.21 13.28
N PHE F 371 -23.16 16.80 14.55
CA PHE F 371 -22.37 17.53 15.55
C PHE F 371 -20.95 17.75 15.04
N VAL F 372 -20.31 16.67 14.59
CA VAL F 372 -18.94 16.71 14.07
C VAL F 372 -18.87 15.97 12.72
N PRO F 373 -17.91 16.32 11.87
CA PRO F 373 -17.76 15.68 10.55
C PRO F 373 -16.99 14.36 10.58
N HIS F 374 -17.23 13.55 11.61
CA HIS F 374 -16.53 12.28 11.74
C HIS F 374 -17.36 11.25 12.45
N LEU F 375 -16.77 10.07 12.52
CA LEU F 375 -17.28 8.94 13.28
C LEU F 375 -16.10 8.90 14.24
N THR F 376 -16.31 9.31 15.49
CA THR F 376 -15.21 9.32 16.45
C THR F 376 -15.04 7.98 17.15
N LEU F 377 -13.92 7.82 17.85
CA LEU F 377 -13.63 6.59 18.57
C LEU F 377 -14.73 6.27 19.58
N ARG F 378 -15.18 7.28 20.32
CA ARG F 378 -16.22 7.10 21.32
C ARG F 378 -17.50 6.58 20.68
N MET F 379 -17.77 7.01 19.45
CA MET F 379 -18.95 6.55 18.73
C MET F 379 -18.73 5.11 18.27
N LEU F 380 -17.57 4.89 17.64
CA LEU F 380 -17.17 3.59 17.11
C LEU F 380 -17.14 2.47 18.14
N GLU F 381 -16.60 2.75 19.32
CA GLU F 381 -16.51 1.75 20.38
C GLU F 381 -17.87 1.19 20.75
N ARG F 382 -18.88 2.05 20.68
CA ARG F 382 -20.24 1.70 21.08
C ARG F 382 -21.14 1.05 20.04
N LEU F 383 -20.69 0.89 18.81
CA LEU F 383 -21.53 0.26 17.80
C LEU F 383 -21.81 -1.15 18.30
N PRO F 384 -23.09 -1.58 18.26
CA PRO F 384 -23.51 -2.92 18.72
C PRO F 384 -23.23 -4.06 17.75
N VAL F 385 -22.74 -5.18 18.30
CA VAL F 385 -22.40 -6.35 17.49
C VAL F 385 -22.95 -7.67 18.05
N ARG F 386 -23.91 -8.25 17.34
CA ARG F 386 -24.53 -9.52 17.75
C ARG F 386 -23.52 -10.65 17.88
N ARG F 387 -24.02 -11.87 18.01
CA ARG F 387 -23.16 -13.05 18.14
C ARG F 387 -22.84 -13.63 16.76
N GLU F 388 -23.75 -13.48 15.82
CA GLU F 388 -23.54 -14.00 14.46
C GLU F 388 -22.50 -13.20 13.67
N TYR F 389 -21.74 -12.36 14.35
CA TYR F 389 -20.71 -11.55 13.70
C TYR F 389 -19.40 -11.73 14.44
N GLY F 390 -19.50 -11.90 15.75
CA GLY F 390 -18.32 -12.09 16.58
C GLY F 390 -18.71 -12.20 18.04
N PHE F 391 -17.73 -12.55 18.88
CA PHE F 391 -17.96 -12.69 20.30
C PHE F 391 -16.67 -13.09 21.01
N HIS F 392 -16.72 -13.15 22.33
CA HIS F 392 -15.55 -13.50 23.12
C HIS F 392 -15.96 -14.23 24.40
N THR F 393 -16.84 -15.22 24.25
CA THR F 393 -17.33 -15.98 25.40
C THR F 393 -16.21 -16.50 26.31
N NEA G . 8.22 -34.42 -11.01
CB NEA G . 9.63 -34.76 -10.86
CG NEA G . 10.59 -34.00 -11.75
SD NEA G . 10.30 -34.56 -13.46
C5' NEA G . 10.81 -36.29 -13.57
C4' NEA G . 9.61 -37.24 -13.80
O4' NEA G . 8.97 -36.83 -14.96
C3' NEA G . 9.96 -38.70 -14.05
O3' NEA G . 9.06 -39.56 -13.34
C2' NEA G . 9.75 -38.83 -15.50
O2' NEA G . 9.41 -40.17 -15.82
C1' NEA G . 8.57 -37.95 -15.70
N9 NEA G . 8.46 -37.46 -17.05
C8 NEA G . 9.49 -37.01 -17.93
N7 NEA G . 9.05 -36.61 -19.11
C5 NEA G . 7.69 -36.82 -19.00
C6 NEA G . 6.64 -36.60 -19.95
N6 NEA G . 6.87 -36.11 -21.17
N1 NEA G . 5.37 -36.90 -19.56
C2 NEA G . 5.09 -37.40 -18.34
N3 NEA G . 5.94 -37.65 -17.38
C4 NEA G . 7.28 -37.34 -17.76
N NEA H . -19.67 38.18 19.03
CB NEA H . -19.36 37.88 17.65
CG NEA H . -18.57 36.59 17.42
SD NEA H . -17.01 36.74 18.34
C5' NEA H . -15.98 37.94 17.47
C4' NEA H . -15.74 39.20 18.31
O4' NEA H . -15.09 38.82 19.49
C3' NEA H . -14.83 40.25 17.69
O3' NEA H . -15.31 41.55 18.00
C2' NEA H . -13.55 39.97 18.39
O2' NEA H . -12.71 41.11 18.37
C1' NEA H . -14.03 39.71 19.77
N9 NEA H . -13.11 38.91 20.55
C8 NEA H . -12.30 37.81 20.14
N7 NEA H . -11.57 37.30 21.11
C5 NEA H . -11.93 38.09 22.19
C6 NEA H . -11.50 38.04 23.54
N6 NEA H . -10.61 37.14 23.99
N1 NEA H . -12.04 38.95 24.40
C2 NEA H . -12.94 39.88 24.01
N3 NEA H . -13.41 40.04 22.80
C4 NEA H . -12.87 39.09 21.90
#